data_3ZOA
#
_entry.id   3ZOA
#
_cell.length_a   127.180
_cell.length_b   127.180
_cell.length_c   216.950
_cell.angle_alpha   90.00
_cell.angle_beta   90.00
_cell.angle_gamma   90.00
#
_symmetry.space_group_name_H-M   'I 41'
#
loop_
_entity.id
_entity.type
_entity.pdbx_description
1 polymer 'TREHALOSE SYNTHASE/AMYLASE TRES'
2 branched 4,6-dideoxy-4-{[(1S,4R,5S,6S)-4,5,6-trihydroxy-3-(hydroxymethyl)cyclohex-2-en-1-yl]amino}-alpha-D-glucopyranose-(1-4)-alpha-D-glucopyranose-(1-4)-alpha-D-glucopyranose
3 non-polymer 'CALCIUM ION'
4 non-polymer 'CHLORIDE ION'
5 non-polymer 'MAGNESIUM ION'
6 water water
#
_entity_poly.entity_id   1
_entity_poly.type   'polypeptide(L)'
_entity_poly.pdbx_seq_one_letter_code
;MEEHTQGSHVEAGIVEHPNAEDFGHARTLPTDTNWFKHAVFYEVLVRAFYDSNADGIGDLRGLTEKLDYIKWLGVDCLWL
PPFYDSPLRDGGYDIRDFYKVLPEFGTVDDFVTLLDAAHRRGIRIITDLVMNHTSDQHEWFQESRHNPDGPYGDFYVWSD
TSDRYPDARIIFVDTEESNWTFDPVRRQFYWHRFFSHQPDLNYDNPAVQEAMLDVLRFWLDLGIDGFRLDAVPYLFEREG
TNCENLPETHAFLKRCRKAIDDEYPGRVLLAEANQWPADVVAYFGDPDTGGDECHMAFHFPLMPRIFMAVRRESRFPISE
ILAQTPPIPDTAQWGIFLRNHDELTLEMVTDEERDYMYAEYAKDPRMKANVGIRRRLAPLLENDRNQIELFTALLLSLPG
SPVLYYGDEIGMGDIIWLGDRDSVRTPMQWTPDRNAGFSKATPGRLYLPPNQDAVYGYHSVNVEAQLDSSSSLLNWTRNM
LAVRSRHDAFAVGTFRELGGSNPSVLAYIREVTRQQGDGGAKTDAVLCVNNLSRFPQPIELNLQQWAGYIPVEMTGYVEF
PSIGQLPYLLTLPGHGFYWFQLREPDPEPGAQQ
;
_entity_poly.pdbx_strand_id   A,B
#
# COMPACT_ATOMS: atom_id res chain seq x y z
N PRO A 30 9.32 -3.11 -41.78
CA PRO A 30 10.50 -2.24 -41.91
C PRO A 30 11.64 -2.73 -41.02
N THR A 31 12.68 -3.28 -41.65
CA THR A 31 13.74 -3.98 -40.92
C THR A 31 14.49 -3.09 -39.94
N ASP A 32 14.75 -3.66 -38.77
CA ASP A 32 15.46 -2.98 -37.69
C ASP A 32 16.10 -4.10 -36.90
N THR A 33 17.29 -4.54 -37.34
CA THR A 33 17.92 -5.76 -36.84
C THR A 33 18.25 -5.74 -35.35
N ASN A 34 17.98 -4.61 -34.69
CA ASN A 34 18.22 -4.50 -33.26
C ASN A 34 16.97 -4.30 -32.43
N TRP A 35 15.80 -4.41 -33.05
CA TRP A 35 14.55 -4.05 -32.37
C TRP A 35 14.38 -4.86 -31.10
N PHE A 36 14.82 -6.11 -31.12
CA PHE A 36 14.58 -6.98 -29.97
C PHE A 36 15.42 -6.56 -28.75
N LYS A 37 16.47 -5.78 -28.98
CA LYS A 37 17.28 -5.33 -27.86
C LYS A 37 16.63 -4.16 -27.15
N HIS A 38 15.76 -3.44 -27.86
CA HIS A 38 15.11 -2.26 -27.31
C HIS A 38 13.67 -2.57 -26.88
N ALA A 39 13.24 -3.80 -27.14
CA ALA A 39 11.85 -4.18 -26.89
C ALA A 39 11.54 -4.48 -25.42
N VAL A 40 10.35 -4.09 -24.99
CA VAL A 40 9.75 -4.70 -23.80
C VAL A 40 8.69 -5.67 -24.30
N PHE A 41 8.80 -6.93 -23.91
CA PHE A 41 7.87 -7.96 -24.36
C PHE A 41 6.72 -8.10 -23.39
N TYR A 42 5.58 -8.59 -23.87
CA TYR A 42 4.39 -8.77 -23.03
C TYR A 42 3.86 -10.16 -23.35
N GLU A 43 4.03 -11.09 -22.43
CA GLU A 43 3.53 -12.44 -22.64
C GLU A 43 2.05 -12.47 -22.34
N VAL A 44 1.26 -12.80 -23.36
CA VAL A 44 -0.20 -12.78 -23.24
C VAL A 44 -0.77 -14.01 -23.92
N LEU A 45 -1.66 -14.71 -23.21
CA LEU A 45 -2.27 -15.91 -23.74
C LEU A 45 -3.52 -15.53 -24.49
N VAL A 46 -3.65 -16.01 -25.73
CA VAL A 46 -4.84 -15.75 -26.52
C VAL A 46 -6.09 -16.18 -25.74
N ARG A 47 -6.04 -17.34 -25.10
CA ARG A 47 -7.25 -17.85 -24.43
C ARG A 47 -7.71 -16.95 -23.29
N ALA A 48 -6.79 -16.17 -22.74
CA ALA A 48 -7.04 -15.47 -21.48
C ALA A 48 -7.36 -14.00 -21.62
N PHE A 49 -7.07 -13.39 -22.78
CA PHE A 49 -7.07 -11.96 -22.80
C PHE A 49 -8.47 -11.35 -23.02
N TYR A 50 -9.13 -11.70 -24.10
CA TYR A 50 -10.46 -11.16 -24.34
C TYR A 50 -11.29 -12.05 -25.23
N ASP A 51 -12.47 -12.42 -24.75
CA ASP A 51 -13.41 -13.27 -25.49
C ASP A 51 -14.40 -12.40 -26.27
N SER A 52 -14.17 -12.24 -27.57
CA SER A 52 -15.02 -11.35 -28.36
C SER A 52 -16.29 -12.03 -28.86
N ASN A 53 -16.37 -13.36 -28.75
CA ASN A 53 -17.51 -14.07 -29.36
C ASN A 53 -18.40 -14.81 -28.39
N ALA A 54 -18.23 -14.52 -27.10
CA ALA A 54 -19.09 -15.06 -26.03
C ALA A 54 -19.18 -16.58 -25.98
N ASP A 55 -18.08 -17.26 -26.29
CA ASP A 55 -18.02 -18.70 -26.10
C ASP A 55 -17.28 -19.04 -24.82
N GLY A 56 -16.85 -18.01 -24.09
CA GLY A 56 -16.18 -18.21 -22.82
C GLY A 56 -14.67 -18.35 -22.98
N ILE A 57 -14.19 -18.26 -24.22
CA ILE A 57 -12.76 -18.49 -24.50
C ILE A 57 -12.16 -17.29 -25.22
N GLY A 58 -11.01 -16.82 -24.75
CA GLY A 58 -10.35 -15.69 -25.39
C GLY A 58 -10.02 -16.08 -26.82
N ASP A 59 -9.95 -15.09 -27.71
CA ASP A 59 -9.75 -15.40 -29.12
C ASP A 59 -8.91 -14.33 -29.80
N LEU A 60 -8.46 -14.62 -31.03
CA LEU A 60 -7.58 -13.70 -31.74
C LEU A 60 -8.27 -12.37 -32.03
N ARG A 61 -9.53 -12.42 -32.43
CA ARG A 61 -10.28 -11.18 -32.65
C ARG A 61 -10.35 -10.33 -31.37
N GLY A 62 -10.53 -11.01 -30.24
CA GLY A 62 -10.58 -10.34 -28.95
C GLY A 62 -9.27 -9.67 -28.63
N LEU A 63 -8.17 -10.38 -28.85
CA LEU A 63 -6.84 -9.83 -28.59
C LEU A 63 -6.63 -8.60 -29.49
N THR A 64 -7.07 -8.70 -30.73
CA THR A 64 -6.98 -7.59 -31.67
C THR A 64 -7.72 -6.36 -31.16
N GLU A 65 -8.90 -6.57 -30.59
CA GLU A 65 -9.72 -5.48 -30.05
C GLU A 65 -9.10 -4.83 -28.82
N LYS A 66 -8.14 -5.49 -28.18
CA LYS A 66 -7.49 -4.93 -27.00
C LYS A 66 -6.10 -4.37 -27.31
N LEU A 67 -5.75 -4.22 -28.59
CA LEU A 67 -4.43 -3.69 -28.92
C LEU A 67 -4.24 -2.24 -28.50
N ASP A 68 -5.31 -1.45 -28.46
CA ASP A 68 -5.14 -0.07 -27.99
C ASP A 68 -4.65 -0.03 -26.53
N TYR A 69 -5.10 -0.98 -25.71
CA TYR A 69 -4.63 -1.07 -24.32
C TYR A 69 -3.15 -1.41 -24.29
N ILE A 70 -2.77 -2.35 -25.14
CA ILE A 70 -1.40 -2.83 -25.14
C ILE A 70 -0.45 -1.70 -25.60
N LYS A 71 -0.88 -0.96 -26.61
CA LYS A 71 -0.12 0.20 -27.09
C LYS A 71 -0.01 1.24 -26.00
N TRP A 72 -1.13 1.51 -25.33
CA TRP A 72 -1.17 2.50 -24.27
C TRP A 72 -0.23 2.13 -23.12
N LEU A 73 -0.18 0.84 -22.81
CA LEU A 73 0.68 0.36 -21.72
C LEU A 73 2.13 0.64 -22.06
N GLY A 74 2.47 0.50 -23.34
CA GLY A 74 3.77 0.90 -23.81
C GLY A 74 4.71 -0.25 -24.11
N VAL A 75 4.14 -1.44 -24.33
CA VAL A 75 5.00 -2.55 -24.67
C VAL A 75 5.22 -2.61 -26.19
N ASP A 76 6.25 -3.33 -26.59
CA ASP A 76 6.76 -3.28 -27.96
C ASP A 76 6.49 -4.54 -28.76
N CYS A 77 6.32 -5.65 -28.06
CA CYS A 77 6.15 -6.93 -28.75
C CYS A 77 5.35 -7.89 -27.88
N LEU A 78 4.34 -8.50 -28.49
CA LEU A 78 3.57 -9.54 -27.83
C LEU A 78 4.30 -10.84 -27.95
N TRP A 79 4.27 -11.64 -26.89
CA TRP A 79 4.74 -13.01 -26.92
C TRP A 79 3.54 -13.89 -26.62
N LEU A 80 3.11 -14.65 -27.63
CA LEU A 80 1.97 -15.55 -27.52
C LEU A 80 2.46 -16.97 -27.30
N PRO A 81 2.05 -17.60 -26.19
CA PRO A 81 2.25 -19.03 -26.00
C PRO A 81 1.51 -19.80 -27.08
N PRO A 82 1.78 -21.11 -27.23
CA PRO A 82 1.27 -21.84 -28.40
C PRO A 82 -0.22 -21.71 -28.61
N PHE A 83 -0.62 -21.36 -29.83
CA PHE A 83 -2.03 -21.23 -30.15
C PHE A 83 -2.42 -22.16 -31.30
N TYR A 84 -1.57 -23.17 -31.57
CA TYR A 84 -1.83 -24.12 -32.64
C TYR A 84 -2.90 -25.13 -32.25
N ASP A 85 -3.45 -25.81 -33.25
CA ASP A 85 -4.40 -26.89 -33.01
C ASP A 85 -3.73 -27.94 -32.11
N SER A 86 -4.46 -28.43 -31.11
CA SER A 86 -3.90 -29.23 -30.01
C SER A 86 -5.04 -29.83 -29.20
N PRO A 87 -4.87 -31.06 -28.68
CA PRO A 87 -5.89 -31.60 -27.77
C PRO A 87 -5.78 -30.99 -26.38
N LEU A 88 -4.79 -30.12 -26.18
CA LEU A 88 -4.59 -29.41 -24.91
C LEU A 88 -4.43 -30.32 -23.70
N ARG A 89 -3.66 -31.40 -23.84
CA ARG A 89 -3.39 -32.27 -22.69
C ARG A 89 -2.20 -31.76 -21.88
N ASP A 90 -1.34 -30.97 -22.53
CA ASP A 90 -0.23 -30.35 -21.84
C ASP A 90 -0.18 -28.88 -22.20
N GLY A 91 -1.31 -28.20 -22.00
CA GLY A 91 -1.36 -26.75 -22.10
C GLY A 91 -1.18 -26.21 -23.50
N GLY A 92 -1.26 -27.07 -24.50
CA GLY A 92 -1.06 -26.61 -25.87
C GLY A 92 0.39 -26.73 -26.30
N TYR A 93 1.25 -27.20 -25.39
CA TYR A 93 2.61 -27.54 -25.78
C TYR A 93 2.62 -28.91 -26.49
N ASP A 94 1.45 -29.55 -26.56
CA ASP A 94 1.25 -30.79 -27.33
C ASP A 94 0.55 -30.47 -28.65
N ILE A 95 1.32 -30.26 -29.72
CA ILE A 95 0.76 -29.71 -30.96
C ILE A 95 0.28 -30.79 -31.94
N ARG A 96 -0.97 -30.65 -32.39
CA ARG A 96 -1.58 -31.60 -33.32
C ARG A 96 -1.40 -31.17 -34.78
N ASP A 97 -1.26 -29.88 -35.02
CA ASP A 97 -1.07 -29.35 -36.38
C ASP A 97 -0.39 -27.99 -36.32
N PHE A 98 0.84 -27.93 -36.84
CA PHE A 98 1.63 -26.71 -36.78
C PHE A 98 1.08 -25.64 -37.69
N TYR A 99 0.23 -26.04 -38.63
CA TYR A 99 -0.22 -25.13 -39.67
C TYR A 99 -1.61 -24.56 -39.42
N LYS A 100 -2.21 -24.91 -38.28
CA LYS A 100 -3.60 -24.58 -38.04
C LYS A 100 -3.73 -23.93 -36.65
N VAL A 101 -4.51 -22.85 -36.59
CA VAL A 101 -4.84 -22.18 -35.32
C VAL A 101 -5.87 -23.04 -34.62
N LEU A 102 -5.76 -23.16 -33.29
CA LEU A 102 -6.79 -23.85 -32.51
C LEU A 102 -8.14 -23.24 -32.87
N PRO A 103 -9.12 -24.06 -33.26
CA PRO A 103 -10.31 -23.46 -33.88
C PRO A 103 -11.07 -22.49 -32.97
N GLU A 104 -11.06 -22.70 -31.66
CA GLU A 104 -11.76 -21.76 -30.80
C GLU A 104 -11.08 -20.39 -30.72
N PHE A 105 -9.86 -20.28 -31.22
CA PHE A 105 -9.18 -18.99 -31.28
C PHE A 105 -9.45 -18.23 -32.57
N GLY A 106 -9.88 -18.95 -33.61
CA GLY A 106 -10.07 -18.34 -34.91
C GLY A 106 -9.31 -19.15 -35.97
N THR A 107 -8.94 -18.50 -37.06
CA THR A 107 -8.17 -19.16 -38.13
C THR A 107 -6.92 -18.37 -38.45
N VAL A 108 -6.09 -18.84 -39.40
CA VAL A 108 -4.93 -18.04 -39.75
C VAL A 108 -5.32 -16.64 -40.26
N ASP A 109 -6.52 -16.51 -40.82
CA ASP A 109 -6.95 -15.20 -41.28
C ASP A 109 -7.10 -14.20 -40.12
N ASP A 110 -7.66 -14.68 -39.01
CA ASP A 110 -7.72 -13.85 -37.81
C ASP A 110 -6.33 -13.55 -37.28
N PHE A 111 -5.39 -14.47 -37.47
CA PHE A 111 -4.03 -14.22 -37.00
C PHE A 111 -3.38 -13.12 -37.81
N VAL A 112 -3.57 -13.14 -39.13
CA VAL A 112 -3.04 -12.07 -39.96
C VAL A 112 -3.67 -10.72 -39.63
N THR A 113 -4.97 -10.71 -39.34
CA THR A 113 -5.66 -9.49 -38.92
C THR A 113 -5.01 -8.93 -37.65
N LEU A 114 -4.73 -9.82 -36.70
CA LEU A 114 -4.04 -9.44 -35.47
C LEU A 114 -2.66 -8.86 -35.78
N LEU A 115 -1.88 -9.58 -36.58
CA LEU A 115 -0.54 -9.12 -36.97
C LEU A 115 -0.56 -7.75 -37.60
N ASP A 116 -1.47 -7.53 -38.53
CA ASP A 116 -1.53 -6.26 -39.25
C ASP A 116 -1.92 -5.12 -38.32
N ALA A 117 -2.88 -5.39 -37.43
CA ALA A 117 -3.33 -4.39 -36.47
C ALA A 117 -2.21 -4.05 -35.47
N ALA A 118 -1.45 -5.05 -35.07
CA ALA A 118 -0.34 -4.81 -34.15
C ALA A 118 0.74 -3.99 -34.86
N HIS A 119 1.09 -4.38 -36.08
CA HIS A 119 2.15 -3.69 -36.83
C HIS A 119 1.79 -2.23 -37.09
N ARG A 120 0.52 -2.00 -37.37
CA ARG A 120 -0.01 -0.65 -37.61
C ARG A 120 0.22 0.24 -36.40
N ARG A 121 0.30 -0.36 -35.22
CA ARG A 121 0.56 0.36 -33.96
C ARG A 121 2.01 0.26 -33.54
N GLY A 122 2.86 -0.29 -34.39
CA GLY A 122 4.27 -0.41 -34.07
C GLY A 122 4.60 -1.56 -33.12
N ILE A 123 3.66 -2.47 -32.93
CA ILE A 123 3.84 -3.61 -32.04
C ILE A 123 4.16 -4.87 -32.83
N ARG A 124 5.18 -5.60 -32.42
CA ARG A 124 5.51 -6.85 -33.07
C ARG A 124 4.89 -8.03 -32.34
N ILE A 125 4.95 -9.22 -32.95
CA ILE A 125 4.44 -10.43 -32.32
C ILE A 125 5.41 -11.59 -32.50
N ILE A 126 5.73 -12.27 -31.40
CA ILE A 126 6.45 -13.55 -31.49
C ILE A 126 5.59 -14.64 -30.86
N THR A 127 5.87 -15.90 -31.20
CA THR A 127 5.12 -16.99 -30.60
C THR A 127 6.01 -18.15 -30.19
N ASP A 128 5.51 -18.97 -29.26
CA ASP A 128 6.21 -20.19 -28.88
C ASP A 128 6.07 -21.19 -30.01
N LEU A 129 7.13 -21.92 -30.30
CA LEU A 129 7.04 -23.03 -31.25
C LEU A 129 7.81 -24.21 -30.68
N VAL A 130 7.09 -25.29 -30.39
CA VAL A 130 7.71 -26.46 -29.81
C VAL A 130 8.37 -27.25 -30.92
N MET A 131 9.69 -27.42 -30.84
CA MET A 131 10.46 -28.03 -31.93
C MET A 131 10.74 -29.51 -31.69
N ASN A 132 10.79 -29.90 -30.42
CA ASN A 132 11.22 -31.25 -30.07
C ASN A 132 10.22 -32.38 -30.33
N HIS A 133 8.93 -32.07 -30.28
CA HIS A 133 7.92 -33.12 -30.23
C HIS A 133 6.56 -32.61 -30.70
N THR A 134 5.67 -33.53 -31.04
CA THR A 134 4.30 -33.20 -31.39
C THR A 134 3.38 -33.96 -30.46
N SER A 135 2.08 -33.64 -30.49
CA SER A 135 1.10 -34.50 -29.85
C SER A 135 1.09 -35.85 -30.55
N ASP A 136 0.67 -36.89 -29.85
CA ASP A 136 0.45 -38.18 -30.49
C ASP A 136 -0.77 -38.18 -31.40
N GLN A 137 -1.53 -37.10 -31.36
CA GLN A 137 -2.69 -36.92 -32.24
CA GLN A 137 -2.68 -36.98 -32.26
C GLN A 137 -2.29 -36.31 -33.58
N HIS A 138 -1.04 -35.87 -33.69
CA HIS A 138 -0.54 -35.29 -34.94
C HIS A 138 -0.63 -36.36 -36.03
N GLU A 139 -1.06 -35.95 -37.22
CA GLU A 139 -1.20 -36.91 -38.30
C GLU A 139 0.09 -37.64 -38.66
N TRP A 140 1.22 -36.95 -38.51
CA TRP A 140 2.53 -37.58 -38.71
C TRP A 140 2.73 -38.79 -37.83
N PHE A 141 2.35 -38.68 -36.55
CA PHE A 141 2.58 -39.77 -35.63
C PHE A 141 1.61 -40.90 -35.91
N GLN A 142 0.37 -40.55 -36.21
CA GLN A 142 -0.61 -41.57 -36.52
C GLN A 142 -0.21 -42.35 -37.79
N GLU A 143 0.39 -41.66 -38.76
CA GLU A 143 0.91 -42.37 -39.93
C GLU A 143 2.14 -43.19 -39.56
N SER A 144 2.97 -42.66 -38.67
CA SER A 144 4.20 -43.33 -38.27
C SER A 144 3.90 -44.68 -37.63
N ARG A 145 2.87 -44.72 -36.80
CA ARG A 145 2.55 -45.94 -36.08
C ARG A 145 1.75 -46.93 -36.93
N HIS A 146 0.87 -46.41 -37.78
CA HIS A 146 -0.02 -47.27 -38.57
C HIS A 146 0.65 -47.73 -39.87
N ASN A 147 1.61 -46.94 -40.36
CA ASN A 147 2.25 -47.25 -41.65
C ASN A 147 3.76 -47.08 -41.58
N PRO A 148 4.44 -47.99 -40.85
CA PRO A 148 5.87 -47.85 -40.58
C PRO A 148 6.71 -47.81 -41.85
N ASP A 149 6.24 -48.45 -42.91
CA ASP A 149 6.96 -48.48 -44.18
C ASP A 149 6.73 -47.21 -45.00
N GLY A 150 5.68 -46.47 -44.67
CA GLY A 150 5.36 -45.23 -45.36
C GLY A 150 6.32 -44.10 -45.03
N PRO A 151 6.08 -42.92 -45.62
CA PRO A 151 6.97 -41.75 -45.55
C PRO A 151 7.08 -41.12 -44.15
N TYR A 152 6.22 -41.49 -43.23
CA TYR A 152 6.31 -40.96 -41.87
C TYR A 152 6.85 -42.01 -40.91
N GLY A 153 7.21 -43.18 -41.44
CA GLY A 153 7.66 -44.27 -40.60
C GLY A 153 8.84 -43.90 -39.74
N ASP A 154 9.71 -43.05 -40.26
CA ASP A 154 10.89 -42.63 -39.50
C ASP A 154 10.82 -41.18 -39.03
N PHE A 155 9.60 -40.63 -38.90
CA PHE A 155 9.47 -39.25 -38.46
C PHE A 155 9.63 -39.17 -36.95
N TYR A 156 9.56 -40.31 -36.28
CA TYR A 156 9.69 -40.37 -34.83
C TYR A 156 10.75 -41.42 -34.51
N VAL A 157 11.10 -41.53 -33.23
CA VAL A 157 12.20 -42.39 -32.80
C VAL A 157 11.68 -43.70 -32.26
N TRP A 158 11.82 -44.77 -33.04
CA TRP A 158 11.24 -46.07 -32.72
C TRP A 158 12.30 -47.11 -32.40
N SER A 159 11.95 -48.08 -31.55
CA SER A 159 12.90 -49.12 -31.11
C SER A 159 12.19 -50.40 -30.64
N ASP A 160 12.81 -51.55 -30.93
CA ASP A 160 12.28 -52.81 -30.41
C ASP A 160 12.45 -52.93 -28.90
N THR A 161 13.33 -52.10 -28.31
CA THR A 161 13.62 -52.17 -26.88
C THR A 161 13.52 -50.80 -26.23
N SER A 162 13.46 -50.77 -24.90
CA SER A 162 13.45 -49.50 -24.19
C SER A 162 14.81 -49.23 -23.54
N ASP A 163 15.87 -49.78 -24.14
CA ASP A 163 17.21 -49.74 -23.54
C ASP A 163 18.09 -48.59 -24.02
N ARG A 164 17.75 -48.00 -25.15
CA ARG A 164 18.62 -46.97 -25.72
C ARG A 164 18.60 -45.71 -24.88
N TYR A 165 19.66 -44.91 -25.00
CA TYR A 165 19.80 -43.63 -24.31
C TYR A 165 19.56 -43.69 -22.80
N PRO A 166 20.20 -44.64 -22.09
CA PRO A 166 19.88 -44.81 -20.67
C PRO A 166 20.37 -43.67 -19.78
N ASP A 167 21.28 -42.84 -20.26
CA ASP A 167 21.82 -41.74 -19.47
C ASP A 167 20.95 -40.47 -19.47
N ALA A 168 19.90 -40.48 -20.29
CA ALA A 168 18.99 -39.33 -20.32
C ALA A 168 18.04 -39.42 -19.13
N ARG A 169 17.93 -38.34 -18.35
CA ARG A 169 17.03 -38.37 -17.20
C ARG A 169 15.59 -38.36 -17.70
N ILE A 170 14.65 -38.78 -16.86
CA ILE A 170 13.23 -38.61 -17.13
C ILE A 170 12.82 -37.25 -16.56
N ILE A 171 12.46 -36.30 -17.43
CA ILE A 171 12.17 -34.95 -16.96
C ILE A 171 11.01 -35.01 -15.97
N PHE A 172 9.92 -35.65 -16.38
CA PHE A 172 8.73 -35.74 -15.53
C PHE A 172 8.75 -37.04 -14.73
N VAL A 173 9.74 -37.17 -13.85
CA VAL A 173 10.04 -38.43 -13.19
C VAL A 173 8.92 -38.90 -12.27
N ASP A 174 8.07 -37.98 -11.83
CA ASP A 174 6.95 -38.36 -10.97
C ASP A 174 5.76 -38.94 -11.75
N THR A 175 5.80 -38.81 -13.07
CA THR A 175 4.65 -39.15 -13.92
C THR A 175 4.98 -40.23 -14.96
N GLU A 176 6.17 -40.14 -15.53
CA GLU A 176 6.57 -41.06 -16.60
C GLU A 176 7.53 -42.10 -16.05
N GLU A 177 7.17 -43.37 -16.21
CA GLU A 177 8.01 -44.47 -15.75
C GLU A 177 9.27 -44.60 -16.64
N SER A 178 9.19 -44.05 -17.85
CA SER A 178 10.27 -44.23 -18.83
C SER A 178 10.20 -43.20 -19.97
N ASN A 179 11.34 -42.94 -20.60
CA ASN A 179 11.36 -42.10 -21.78
C ASN A 179 10.94 -42.87 -23.04
N TRP A 180 10.71 -44.17 -22.87
CA TRP A 180 10.21 -45.01 -23.94
C TRP A 180 8.82 -45.50 -23.62
N THR A 181 7.92 -45.40 -24.59
CA THR A 181 6.57 -45.94 -24.43
C THR A 181 6.25 -46.97 -25.51
N PHE A 182 5.67 -48.09 -25.10
CA PHE A 182 5.28 -49.14 -26.05
C PHE A 182 3.98 -48.80 -26.77
N ASP A 183 4.04 -48.72 -28.09
CA ASP A 183 2.84 -48.39 -28.87
C ASP A 183 2.10 -49.64 -29.29
N PRO A 184 0.82 -49.75 -28.91
CA PRO A 184 0.04 -50.96 -29.13
C PRO A 184 -0.30 -51.21 -30.62
N VAL A 185 -0.22 -50.19 -31.45
CA VAL A 185 -0.49 -50.36 -32.88
C VAL A 185 0.77 -50.79 -33.63
N ARG A 186 1.86 -50.05 -33.46
CA ARG A 186 3.12 -50.37 -34.12
C ARG A 186 3.91 -51.49 -33.42
N ARG A 187 3.62 -51.70 -32.14
CA ARG A 187 4.28 -52.74 -31.33
C ARG A 187 5.80 -52.57 -31.28
N GLN A 188 6.22 -51.31 -31.21
CA GLN A 188 7.59 -50.92 -30.85
C GLN A 188 7.51 -49.78 -29.84
N PHE A 189 8.62 -49.50 -29.16
CA PHE A 189 8.71 -48.35 -28.26
C PHE A 189 9.04 -47.07 -29.03
N TYR A 190 8.45 -45.95 -28.63
CA TYR A 190 8.88 -44.65 -29.15
C TYR A 190 9.39 -43.75 -28.02
N TRP A 191 10.26 -42.84 -28.39
CA TRP A 191 10.97 -41.96 -27.46
C TRP A 191 10.17 -40.68 -27.20
N HIS A 192 10.18 -40.22 -25.96
CA HIS A 192 9.59 -38.94 -25.60
C HIS A 192 10.29 -38.37 -24.37
N ARG A 193 10.82 -37.15 -24.48
CA ARG A 193 11.42 -36.51 -23.32
C ARG A 193 10.34 -35.92 -22.43
N PHE A 194 9.20 -35.59 -23.02
CA PHE A 194 8.09 -35.01 -22.24
C PHE A 194 7.05 -36.09 -21.96
N PHE A 195 5.76 -35.77 -21.96
CA PHE A 195 4.80 -36.82 -21.61
C PHE A 195 4.69 -37.86 -22.73
N SER A 196 4.08 -39.01 -22.41
CA SER A 196 3.97 -40.12 -23.39
C SER A 196 3.13 -39.73 -24.60
N HIS A 197 2.21 -38.80 -24.42
CA HIS A 197 1.40 -38.32 -25.54
C HIS A 197 2.12 -37.22 -26.35
N GLN A 198 3.42 -37.04 -26.09
CA GLN A 198 4.24 -36.09 -26.85
C GLN A 198 5.48 -36.75 -27.49
N PRO A 199 5.26 -37.61 -28.50
CA PRO A 199 6.42 -38.30 -29.12
C PRO A 199 7.44 -37.34 -29.75
N ASP A 200 8.73 -37.62 -29.50
CA ASP A 200 9.82 -36.81 -30.03
C ASP A 200 9.97 -37.03 -31.53
N LEU A 201 10.18 -35.94 -32.26
CA LEU A 201 10.48 -36.01 -33.70
C LEU A 201 11.90 -36.54 -33.90
N ASN A 202 12.09 -37.26 -35.02
CA ASN A 202 13.39 -37.83 -35.33
C ASN A 202 14.22 -36.88 -36.19
N TYR A 203 15.06 -36.07 -35.57
CA TYR A 203 15.81 -35.05 -36.31
C TYR A 203 16.97 -35.60 -37.16
N ASP A 204 17.32 -36.87 -36.96
CA ASP A 204 18.28 -37.52 -37.84
C ASP A 204 17.69 -37.85 -39.22
N ASN A 205 16.36 -37.79 -39.31
CA ASN A 205 15.68 -37.89 -40.61
C ASN A 205 15.72 -36.52 -41.30
N PRO A 206 16.37 -36.44 -42.47
CA PRO A 206 16.45 -35.11 -43.10
C PRO A 206 15.08 -34.56 -43.54
N ALA A 207 14.10 -35.43 -43.71
CA ALA A 207 12.76 -34.95 -44.07
C ALA A 207 12.11 -34.24 -42.86
N VAL A 208 12.47 -34.68 -41.66
CA VAL A 208 11.98 -34.02 -40.45
C VAL A 208 12.58 -32.61 -40.33
N GLN A 209 13.88 -32.48 -40.59
CA GLN A 209 14.50 -31.17 -40.56
C GLN A 209 13.86 -30.23 -41.58
N GLU A 210 13.59 -30.74 -42.77
CA GLU A 210 12.98 -29.89 -43.80
C GLU A 210 11.56 -29.53 -43.44
N ALA A 211 10.83 -30.48 -42.89
CA ALA A 211 9.43 -30.23 -42.52
C ALA A 211 9.37 -29.14 -41.44
N MET A 212 10.28 -29.19 -40.48
CA MET A 212 10.25 -28.20 -39.41
C MET A 212 10.73 -26.83 -39.88
N LEU A 213 11.70 -26.79 -40.79
CA LEU A 213 12.08 -25.53 -41.39
C LEU A 213 10.89 -24.93 -42.12
N ASP A 214 10.07 -25.79 -42.73
CA ASP A 214 8.92 -25.33 -43.50
C ASP A 214 7.84 -24.74 -42.58
N VAL A 215 7.70 -25.31 -41.38
CA VAL A 215 6.81 -24.73 -40.37
C VAL A 215 7.26 -23.30 -40.03
N LEU A 216 8.56 -23.12 -39.79
CA LEU A 216 9.08 -21.77 -39.54
C LEU A 216 8.73 -20.81 -40.67
N ARG A 217 9.03 -21.20 -41.90
CA ARG A 217 8.74 -20.37 -43.07
C ARG A 217 7.26 -20.04 -43.24
N PHE A 218 6.39 -20.98 -42.91
CA PHE A 218 4.95 -20.77 -43.06
C PHE A 218 4.52 -19.57 -42.21
N TRP A 219 4.92 -19.56 -40.94
CA TRP A 219 4.52 -18.47 -40.05
C TRP A 219 5.27 -17.18 -40.37
N LEU A 220 6.53 -17.31 -40.78
CA LEU A 220 7.29 -16.14 -41.21
C LEU A 220 6.70 -15.48 -42.46
N ASP A 221 6.25 -16.30 -43.41
CA ASP A 221 5.58 -15.78 -44.60
C ASP A 221 4.33 -15.01 -44.22
N LEU A 222 3.63 -15.50 -43.19
CA LEU A 222 2.42 -14.84 -42.70
C LEU A 222 2.76 -13.47 -42.11
N GLY A 223 3.99 -13.32 -41.63
CA GLY A 223 4.46 -12.03 -41.16
C GLY A 223 4.86 -11.97 -39.69
N ILE A 224 4.90 -13.13 -39.03
CA ILE A 224 5.28 -13.14 -37.61
C ILE A 224 6.71 -12.64 -37.41
N ASP A 225 6.95 -11.96 -36.29
CA ASP A 225 8.23 -11.30 -36.10
C ASP A 225 9.30 -12.19 -35.53
N GLY A 226 8.92 -13.39 -35.14
CA GLY A 226 9.88 -14.34 -34.60
C GLY A 226 9.26 -15.41 -33.75
N PHE A 227 10.11 -16.29 -33.19
CA PHE A 227 9.63 -17.41 -32.39
C PHE A 227 10.47 -17.57 -31.15
N ARG A 228 9.84 -18.02 -30.07
CA ARG A 228 10.62 -18.66 -29.03
C ARG A 228 10.64 -20.14 -29.35
N LEU A 229 11.82 -20.68 -29.59
CA LEU A 229 11.94 -22.10 -29.93
C LEU A 229 12.01 -22.90 -28.63
N ASP A 230 11.03 -23.78 -28.42
CA ASP A 230 10.93 -24.50 -27.15
C ASP A 230 11.46 -25.91 -27.23
N ALA A 231 12.07 -26.35 -26.13
CA ALA A 231 12.60 -27.72 -25.96
C ALA A 231 13.73 -28.07 -26.92
N VAL A 232 14.40 -27.07 -27.45
CA VAL A 232 15.49 -27.35 -28.39
C VAL A 232 16.72 -28.08 -27.82
N PRO A 233 17.02 -27.96 -26.51
CA PRO A 233 18.17 -28.76 -26.06
C PRO A 233 18.00 -30.27 -26.26
N TYR A 234 16.77 -30.72 -26.48
CA TYR A 234 16.47 -32.15 -26.56
C TYR A 234 16.29 -32.70 -27.95
N LEU A 235 16.59 -31.93 -28.99
CA LEU A 235 16.32 -32.39 -30.37
C LEU A 235 16.99 -33.74 -30.66
N PHE A 236 18.32 -33.77 -30.60
CA PHE A 236 19.04 -35.02 -30.90
C PHE A 236 19.37 -35.86 -29.68
N GLU A 237 19.38 -37.18 -29.87
CA GLU A 237 19.85 -38.14 -28.86
C GLU A 237 21.06 -38.91 -29.40
N ARG A 238 21.99 -39.26 -28.52
CA ARG A 238 23.17 -40.05 -28.90
C ARG A 238 23.56 -40.94 -27.74
N GLU A 239 23.89 -42.20 -28.01
CA GLU A 239 24.40 -43.07 -26.96
C GLU A 239 25.66 -42.48 -26.38
N GLY A 240 25.90 -42.74 -25.09
CA GLY A 240 27.06 -42.18 -24.42
C GLY A 240 26.88 -40.74 -23.95
N THR A 241 25.70 -40.18 -24.17
CA THR A 241 25.42 -38.79 -23.77
C THR A 241 24.13 -38.70 -22.96
N ASN A 242 23.91 -37.55 -22.33
CA ASN A 242 22.66 -37.33 -21.61
C ASN A 242 21.59 -36.76 -22.54
N CYS A 243 21.92 -36.73 -23.83
CA CYS A 243 20.97 -36.39 -24.88
C CYS A 243 20.44 -34.96 -24.79
N GLU A 244 21.25 -34.04 -24.28
CA GLU A 244 20.94 -32.62 -24.32
C GLU A 244 22.14 -31.86 -24.86
N ASN A 245 21.86 -30.76 -25.55
CA ASN A 245 22.89 -29.83 -26.00
C ASN A 245 23.89 -30.41 -27.00
N LEU A 246 23.49 -31.45 -27.72
CA LEU A 246 24.39 -32.11 -28.67
C LEU A 246 24.81 -31.16 -29.80
N PRO A 247 26.00 -31.38 -30.37
CA PRO A 247 26.43 -30.53 -31.49
C PRO A 247 25.47 -30.59 -32.67
N GLU A 248 24.85 -31.74 -32.94
CA GLU A 248 23.89 -31.80 -34.03
C GLU A 248 22.68 -30.93 -33.75
N THR A 249 22.32 -30.81 -32.48
CA THR A 249 21.25 -29.91 -32.08
C THR A 249 21.59 -28.47 -32.43
N HIS A 250 22.80 -28.04 -32.08
CA HIS A 250 23.23 -26.68 -32.42
C HIS A 250 23.35 -26.49 -33.92
N ALA A 251 23.76 -27.53 -34.63
CA ALA A 251 23.85 -27.47 -36.08
C ALA A 251 22.48 -27.18 -36.70
N PHE A 252 21.44 -27.83 -36.21
CA PHE A 252 20.10 -27.56 -36.74
C PHE A 252 19.67 -26.13 -36.44
N LEU A 253 19.97 -25.65 -35.23
CA LEU A 253 19.67 -24.26 -34.88
C LEU A 253 20.35 -23.26 -35.81
N LYS A 254 21.57 -23.59 -36.23
CA LYS A 254 22.27 -22.76 -37.21
C LYS A 254 21.51 -22.70 -38.54
N ARG A 255 20.89 -23.82 -38.93
CA ARG A 255 20.06 -23.84 -40.14
C ARG A 255 18.88 -22.90 -39.99
N CYS A 256 18.27 -22.91 -38.81
CA CYS A 256 17.15 -22.02 -38.53
C CYS A 256 17.58 -20.57 -38.63
N ARG A 257 18.71 -20.23 -38.02
CA ARG A 257 19.22 -18.86 -38.03
C ARG A 257 19.57 -18.42 -39.46
N LYS A 258 20.18 -19.33 -40.21
CA LYS A 258 20.54 -19.05 -41.59
C LYS A 258 19.31 -18.77 -42.45
N ALA A 259 18.27 -19.59 -42.31
CA ALA A 259 17.03 -19.38 -43.03
C ALA A 259 16.44 -18.00 -42.72
N ILE A 260 16.48 -17.60 -41.45
CA ILE A 260 16.03 -16.28 -41.04
C ILE A 260 16.88 -15.19 -41.66
N ASP A 261 18.19 -15.29 -41.46
CA ASP A 261 19.14 -14.30 -41.98
C ASP A 261 18.97 -14.09 -43.49
N ASP A 262 18.82 -15.18 -44.22
CA ASP A 262 18.78 -15.13 -45.67
C ASP A 262 17.43 -14.69 -46.23
N GLU A 263 16.35 -15.17 -45.64
CA GLU A 263 15.03 -15.02 -46.26
C GLU A 263 14.14 -14.00 -45.54
N TYR A 264 14.34 -13.85 -44.23
CA TYR A 264 13.51 -12.93 -43.45
C TYR A 264 14.35 -12.09 -42.49
N PRO A 265 15.16 -11.17 -43.03
CA PRO A 265 15.98 -10.34 -42.15
C PRO A 265 15.12 -9.49 -41.21
N GLY A 266 15.58 -9.31 -39.99
CA GLY A 266 14.86 -8.50 -39.02
C GLY A 266 13.90 -9.30 -38.14
N ARG A 267 13.90 -10.62 -38.29
CA ARG A 267 13.11 -11.49 -37.41
C ARG A 267 13.99 -12.07 -36.32
N VAL A 268 13.37 -12.61 -35.27
CA VAL A 268 14.14 -13.00 -34.09
C VAL A 268 13.89 -14.46 -33.71
N LEU A 269 14.94 -15.13 -33.23
CA LEU A 269 14.81 -16.46 -32.65
C LEU A 269 15.20 -16.36 -31.17
N LEU A 270 14.35 -16.86 -30.29
CA LEU A 270 14.65 -16.87 -28.86
C LEU A 270 14.75 -18.30 -28.39
N ALA A 271 15.79 -18.60 -27.64
CA ALA A 271 15.94 -19.95 -27.12
C ALA A 271 15.31 -20.06 -25.74
N GLU A 272 14.58 -21.15 -25.54
CA GLU A 272 14.13 -21.54 -24.20
C GLU A 272 15.04 -22.68 -23.75
N ALA A 273 16.13 -22.34 -23.11
CA ALA A 273 16.99 -23.34 -22.50
C ALA A 273 17.06 -23.03 -21.03
N ASN A 274 16.44 -23.88 -20.22
CA ASN A 274 16.38 -23.66 -18.78
C ASN A 274 17.66 -24.19 -18.15
N GLN A 275 18.77 -23.50 -18.41
CA GLN A 275 20.08 -23.96 -17.95
C GLN A 275 20.84 -22.84 -17.29
N TRP A 276 21.89 -23.19 -16.56
CA TRP A 276 22.77 -22.19 -15.98
C TRP A 276 23.31 -21.30 -17.09
N PRO A 277 23.46 -19.98 -16.82
CA PRO A 277 23.77 -19.02 -17.89
C PRO A 277 25.04 -19.36 -18.67
N ALA A 278 26.04 -19.91 -18.01
CA ALA A 278 27.28 -20.30 -18.67
C ALA A 278 27.01 -21.31 -19.79
N ASP A 279 26.10 -22.25 -19.51
CA ASP A 279 25.71 -23.27 -20.48
C ASP A 279 24.82 -22.72 -21.60
N VAL A 280 24.09 -21.65 -21.31
CA VAL A 280 23.13 -21.11 -22.26
C VAL A 280 23.81 -20.34 -23.39
N VAL A 281 24.97 -19.76 -23.09
CA VAL A 281 25.66 -18.93 -24.07
C VAL A 281 25.93 -19.66 -25.37
N ALA A 282 26.01 -20.99 -25.30
CA ALA A 282 26.22 -21.82 -26.49
C ALA A 282 25.10 -21.61 -27.50
N TYR A 283 23.90 -21.32 -27.00
CA TYR A 283 22.74 -21.16 -27.87
C TYR A 283 22.70 -19.88 -28.70
N PHE A 284 23.63 -18.96 -28.42
CA PHE A 284 23.79 -17.79 -29.26
C PHE A 284 24.68 -18.13 -30.47
N GLY A 285 25.36 -19.27 -30.40
CA GLY A 285 26.15 -19.75 -31.51
C GLY A 285 27.61 -19.33 -31.48
N ASP A 286 28.25 -19.34 -32.66
CA ASP A 286 29.67 -19.04 -32.79
C ASP A 286 29.95 -17.55 -32.62
N PRO A 287 30.72 -17.19 -31.57
CA PRO A 287 31.10 -15.82 -31.24
C PRO A 287 31.88 -15.14 -32.37
N ASP A 288 32.68 -15.91 -33.10
CA ASP A 288 33.49 -15.41 -34.20
C ASP A 288 32.62 -14.91 -35.36
N THR A 289 31.41 -15.46 -35.45
CA THR A 289 30.47 -15.09 -36.49
C THR A 289 29.62 -13.89 -36.04
N GLY A 290 29.75 -13.53 -34.77
CA GLY A 290 28.88 -12.52 -34.19
C GLY A 290 27.60 -13.16 -33.69
N GLY A 291 27.59 -14.47 -33.60
CA GLY A 291 26.42 -15.23 -33.19
C GLY A 291 25.68 -15.79 -34.39
N ASP A 292 25.57 -17.10 -34.48
CA ASP A 292 24.93 -17.73 -35.64
C ASP A 292 23.82 -18.72 -35.28
N GLU A 293 23.32 -18.66 -34.05
CA GLU A 293 22.14 -19.44 -33.67
C GLU A 293 21.03 -18.51 -33.21
N CYS A 294 20.64 -18.58 -31.94
CA CYS A 294 19.54 -17.73 -31.46
C CYS A 294 19.97 -16.29 -31.20
N HIS A 295 19.08 -15.35 -31.50
CA HIS A 295 19.33 -13.94 -31.23
C HIS A 295 19.24 -13.67 -29.72
N MET A 296 18.34 -14.39 -29.06
CA MET A 296 18.11 -14.19 -27.62
C MET A 296 18.00 -15.52 -26.90
N ALA A 297 18.26 -15.49 -25.59
CA ALA A 297 18.02 -16.63 -24.74
C ALA A 297 17.67 -16.08 -23.37
N PHE A 298 16.96 -16.85 -22.58
CA PHE A 298 16.53 -16.39 -21.26
C PHE A 298 17.52 -16.63 -20.15
N HIS A 299 17.66 -15.63 -19.28
CA HIS A 299 18.49 -15.71 -18.09
C HIS A 299 17.63 -16.15 -16.92
N PHE A 300 17.42 -17.45 -16.78
CA PHE A 300 16.50 -17.99 -15.79
C PHE A 300 16.82 -17.73 -14.30
N PRO A 301 18.10 -17.72 -13.91
CA PRO A 301 18.34 -17.62 -12.46
C PRO A 301 18.13 -16.23 -11.87
N LEU A 302 17.86 -15.23 -12.71
CA LEU A 302 17.77 -13.86 -12.23
C LEU A 302 16.72 -13.66 -11.13
N MET A 303 15.48 -14.08 -11.39
CA MET A 303 14.42 -13.88 -10.40
C MET A 303 14.68 -14.66 -9.11
N PRO A 304 15.04 -15.95 -9.20
CA PRO A 304 15.40 -16.62 -7.94
C PRO A 304 16.47 -15.87 -7.15
N ARG A 305 17.46 -15.28 -7.84
CA ARG A 305 18.50 -14.54 -7.13
C ARG A 305 17.98 -13.22 -6.56
N ILE A 306 17.16 -12.50 -7.32
CA ILE A 306 16.58 -11.27 -6.78
C ILE A 306 15.70 -11.61 -5.59
N PHE A 307 14.86 -12.63 -5.75
CA PHE A 307 14.00 -13.06 -4.66
C PHE A 307 14.81 -13.34 -3.39
N MET A 308 15.91 -14.06 -3.53
CA MET A 308 16.75 -14.36 -2.37
C MET A 308 17.54 -13.17 -1.83
N ALA A 309 17.93 -12.25 -2.72
CA ALA A 309 18.58 -11.01 -2.31
C ALA A 309 17.68 -10.18 -1.37
N VAL A 310 16.39 -10.13 -1.71
CA VAL A 310 15.43 -9.42 -0.87
C VAL A 310 15.16 -10.17 0.42
N ARG A 311 15.02 -11.49 0.34
CA ARG A 311 14.83 -12.29 1.55
C ARG A 311 16.00 -12.10 2.52
N ARG A 312 17.20 -12.01 1.96
CA ARG A 312 18.42 -11.91 2.77
C ARG A 312 18.90 -10.47 2.96
N GLU A 313 18.22 -9.52 2.33
CA GLU A 313 18.59 -8.10 2.42
C GLU A 313 20.05 -7.87 2.06
N SER A 314 20.48 -8.52 0.97
CA SER A 314 21.87 -8.48 0.51
C SER A 314 21.93 -8.43 -1.02
N ARG A 315 22.76 -7.55 -1.57
CA ARG A 315 22.86 -7.42 -3.02
C ARG A 315 23.63 -8.56 -3.66
N PHE A 316 24.33 -9.35 -2.86
CA PHE A 316 25.25 -10.34 -3.40
C PHE A 316 24.66 -11.43 -4.32
N PRO A 317 23.48 -11.98 -3.98
CA PRO A 317 22.91 -12.94 -4.94
C PRO A 317 22.71 -12.34 -6.32
N ILE A 318 22.38 -11.06 -6.40
CA ILE A 318 22.21 -10.40 -7.70
C ILE A 318 23.57 -10.04 -8.32
N SER A 319 24.45 -9.41 -7.52
CA SER A 319 25.80 -9.05 -7.98
C SER A 319 26.51 -10.24 -8.60
N GLU A 320 26.46 -11.36 -7.90
CA GLU A 320 27.20 -12.56 -8.27
C GLU A 320 26.68 -13.19 -9.55
N ILE A 321 25.35 -13.31 -9.68
CA ILE A 321 24.80 -13.96 -10.86
C ILE A 321 25.13 -13.15 -12.11
N LEU A 322 25.15 -11.83 -11.97
CA LEU A 322 25.44 -10.95 -13.10
C LEU A 322 26.93 -10.98 -13.44
N ALA A 323 27.77 -10.95 -12.42
CA ALA A 323 29.21 -10.94 -12.61
C ALA A 323 29.69 -12.26 -13.21
N GLN A 324 29.04 -13.36 -12.85
CA GLN A 324 29.43 -14.67 -13.34
C GLN A 324 28.82 -15.04 -14.69
N THR A 325 27.97 -14.17 -15.22
CA THR A 325 27.38 -14.42 -16.53
C THR A 325 28.40 -14.06 -17.62
N PRO A 326 28.73 -15.02 -18.48
CA PRO A 326 29.75 -14.77 -19.51
C PRO A 326 29.27 -13.78 -20.56
N PRO A 327 30.21 -13.15 -21.27
CA PRO A 327 29.84 -12.24 -22.37
C PRO A 327 29.16 -13.02 -23.50
N ILE A 328 28.24 -12.37 -24.19
CA ILE A 328 27.55 -12.98 -25.32
C ILE A 328 27.83 -12.15 -26.57
N PRO A 329 27.54 -12.69 -27.76
CA PRO A 329 27.78 -11.91 -28.99
C PRO A 329 27.08 -10.54 -28.98
N ASP A 330 27.72 -9.53 -29.56
CA ASP A 330 27.15 -8.18 -29.57
C ASP A 330 25.84 -8.09 -30.37
N THR A 331 25.58 -9.10 -31.19
CA THR A 331 24.34 -9.18 -31.94
C THR A 331 23.19 -9.69 -31.04
N ALA A 332 23.55 -10.25 -29.90
CA ALA A 332 22.60 -11.00 -29.08
C ALA A 332 22.10 -10.22 -27.85
N GLN A 333 21.15 -10.81 -27.13
CA GLN A 333 20.55 -10.15 -25.97
C GLN A 333 19.93 -11.18 -25.05
N TRP A 334 20.10 -11.02 -23.73
CA TRP A 334 19.43 -11.90 -22.78
C TRP A 334 17.98 -11.46 -22.65
N GLY A 335 17.07 -12.41 -22.47
CA GLY A 335 15.72 -12.08 -22.09
C GLY A 335 15.60 -12.28 -20.59
N ILE A 336 14.88 -11.41 -19.91
CA ILE A 336 14.69 -11.57 -18.47
C ILE A 336 13.23 -11.40 -18.06
N PHE A 337 12.84 -12.09 -16.99
CA PHE A 337 11.48 -12.01 -16.48
C PHE A 337 11.37 -12.39 -15.01
N LEU A 338 10.28 -11.95 -14.39
CA LEU A 338 10.13 -12.11 -12.94
C LEU A 338 9.40 -13.41 -12.61
N ARG A 339 9.99 -14.54 -13.02
CA ARG A 339 9.42 -15.84 -12.72
C ARG A 339 10.50 -16.79 -12.25
N ASN A 340 10.11 -17.71 -11.39
CA ASN A 340 11.04 -18.67 -10.80
C ASN A 340 11.06 -20.01 -11.51
N HIS A 341 10.14 -20.20 -12.46
CA HIS A 341 10.01 -21.48 -13.15
C HIS A 341 9.84 -21.29 -14.65
N ASP A 342 10.39 -22.23 -15.40
CA ASP A 342 10.23 -22.36 -16.84
C ASP A 342 8.80 -22.88 -17.07
N GLU A 343 8.06 -22.29 -18.00
CA GLU A 343 6.66 -22.68 -18.19
C GLU A 343 6.44 -24.03 -18.84
N LEU A 344 7.44 -24.54 -19.55
CA LEU A 344 7.33 -25.84 -20.20
C LEU A 344 7.42 -27.00 -19.20
N THR A 345 8.46 -26.96 -18.37
CA THR A 345 8.75 -28.08 -17.48
C THR A 345 8.38 -27.82 -16.02
N LEU A 346 8.09 -26.56 -15.70
CA LEU A 346 7.81 -26.14 -14.33
C LEU A 346 9.00 -26.41 -13.40
N GLU A 347 10.22 -26.29 -13.94
CA GLU A 347 11.42 -26.51 -13.13
C GLU A 347 12.13 -25.20 -12.92
N MET A 348 12.72 -25.03 -11.75
CA MET A 348 13.60 -23.88 -11.51
C MET A 348 15.03 -24.26 -11.84
N VAL A 349 15.70 -23.44 -12.62
CA VAL A 349 17.08 -23.69 -13.00
C VAL A 349 17.95 -23.73 -11.74
N THR A 350 18.95 -24.61 -11.72
CA THR A 350 19.99 -24.55 -10.69
C THR A 350 21.15 -25.43 -11.07
N ASP A 351 22.17 -25.44 -10.22
CA ASP A 351 23.42 -26.11 -10.53
C ASP A 351 24.18 -26.38 -9.24
N GLU A 352 24.32 -27.65 -8.90
CA GLU A 352 25.02 -28.07 -7.68
C GLU A 352 26.40 -27.45 -7.58
N GLU A 353 27.11 -27.40 -8.71
CA GLU A 353 28.51 -27.00 -8.71
C GLU A 353 28.75 -25.50 -8.82
N ARG A 354 27.91 -24.79 -9.58
CA ARG A 354 28.19 -23.39 -9.88
C ARG A 354 27.25 -22.38 -9.22
N ASP A 355 26.23 -22.85 -8.53
CA ASP A 355 25.28 -21.97 -7.85
C ASP A 355 25.53 -22.00 -6.36
N TYR A 356 26.12 -20.93 -5.84
CA TYR A 356 26.44 -20.89 -4.41
C TYR A 356 25.18 -20.85 -3.54
N MET A 357 24.04 -20.56 -4.17
CA MET A 357 22.76 -20.49 -3.46
C MET A 357 21.99 -21.81 -3.52
N TYR A 358 22.59 -22.81 -4.16
CA TYR A 358 21.95 -24.11 -4.42
C TYR A 358 21.14 -24.70 -3.27
N ALA A 359 21.72 -24.73 -2.07
CA ALA A 359 21.06 -25.33 -0.92
C ALA A 359 20.17 -24.33 -0.17
N GLU A 360 20.32 -23.05 -0.49
CA GLU A 360 19.64 -21.98 0.24
C GLU A 360 18.14 -21.87 -0.08
N TYR A 361 17.78 -22.11 -1.34
CA TYR A 361 16.38 -22.04 -1.74
C TYR A 361 15.46 -22.91 -0.88
N ALA A 362 15.90 -24.12 -0.54
CA ALA A 362 15.08 -25.03 0.26
C ALA A 362 14.90 -24.56 1.72
N LYS A 363 15.76 -23.64 2.15
CA LYS A 363 15.67 -23.13 3.53
C LYS A 363 14.67 -21.98 3.63
N ASP A 364 14.19 -21.52 2.48
CA ASP A 364 13.23 -20.43 2.45
C ASP A 364 11.81 -20.98 2.29
N PRO A 365 10.96 -20.76 3.30
CA PRO A 365 9.62 -21.37 3.28
C PRO A 365 8.76 -20.87 2.13
N ARG A 366 9.01 -19.64 1.66
CA ARG A 366 8.27 -19.11 0.51
C ARG A 366 8.64 -19.83 -0.79
N MET A 367 9.94 -19.96 -1.06
CA MET A 367 10.41 -20.73 -2.22
C MET A 367 9.92 -22.17 -2.12
N LYS A 368 10.02 -22.75 -0.92
CA LYS A 368 9.69 -24.15 -0.74
C LYS A 368 8.22 -24.45 -1.05
N ALA A 369 7.32 -23.59 -0.59
CA ALA A 369 5.88 -23.79 -0.81
C ALA A 369 5.50 -23.78 -2.29
N ASN A 370 6.24 -23.02 -3.10
CA ASN A 370 5.86 -22.82 -4.50
C ASN A 370 6.68 -23.61 -5.51
N VAL A 371 7.44 -24.59 -5.02
CA VAL A 371 8.21 -25.45 -5.92
C VAL A 371 7.33 -26.07 -7.01
N GLY A 372 7.67 -25.82 -8.27
CA GLY A 372 6.99 -26.45 -9.39
C GLY A 372 5.65 -25.84 -9.77
N ILE A 373 5.36 -24.66 -9.22
CA ILE A 373 4.12 -23.96 -9.50
C ILE A 373 4.41 -22.55 -10.02
N ARG A 374 3.84 -22.16 -11.16
CA ARG A 374 3.95 -20.77 -11.59
C ARG A 374 3.09 -19.90 -10.67
N ARG A 375 3.64 -18.76 -10.26
CA ARG A 375 2.88 -17.80 -9.47
C ARG A 375 3.08 -16.44 -10.09
N ARG A 376 2.07 -15.58 -9.99
CA ARG A 376 2.22 -14.22 -10.48
CA ARG A 376 2.20 -14.21 -10.47
C ARG A 376 3.02 -13.36 -9.51
N LEU A 377 3.45 -12.20 -9.99
CA LEU A 377 4.34 -11.34 -9.24
C LEU A 377 3.75 -10.91 -7.89
N ALA A 378 2.54 -10.36 -7.91
CA ALA A 378 1.95 -9.90 -6.65
C ALA A 378 1.86 -11.02 -5.58
N PRO A 379 1.32 -12.20 -5.94
CA PRO A 379 1.32 -13.29 -4.96
C PRO A 379 2.72 -13.73 -4.51
N LEU A 380 3.70 -13.75 -5.41
CA LEU A 380 5.06 -14.08 -5.02
C LEU A 380 5.57 -13.13 -3.94
N LEU A 381 5.11 -11.89 -3.98
CA LEU A 381 5.58 -10.88 -3.04
C LEU A 381 4.55 -10.55 -1.97
N GLU A 382 3.60 -11.45 -1.75
CA GLU A 382 2.53 -11.27 -0.77
C GLU A 382 1.83 -9.91 -0.89
N ASN A 383 1.63 -9.50 -2.15
CA ASN A 383 0.90 -8.27 -2.47
C ASN A 383 1.50 -6.99 -1.88
N ASP A 384 2.80 -7.02 -1.62
CA ASP A 384 3.48 -5.85 -1.05
C ASP A 384 3.82 -4.89 -2.20
N ARG A 385 3.11 -3.77 -2.28
CA ARG A 385 3.26 -2.82 -3.38
C ARG A 385 4.69 -2.28 -3.49
N ASN A 386 5.35 -2.01 -2.37
CA ASN A 386 6.73 -1.55 -2.41
C ASN A 386 7.69 -2.53 -3.09
N GLN A 387 7.52 -3.81 -2.79
CA GLN A 387 8.35 -4.84 -3.38
C GLN A 387 8.00 -5.06 -4.85
N ILE A 388 6.72 -5.01 -5.18
CA ILE A 388 6.32 -5.13 -6.59
C ILE A 388 7.04 -4.07 -7.41
N GLU A 389 7.07 -2.84 -6.89
CA GLU A 389 7.75 -1.75 -7.59
C GLU A 389 9.26 -1.99 -7.69
N LEU A 390 9.85 -2.47 -6.60
CA LEU A 390 11.30 -2.76 -6.56
C LEU A 390 11.68 -3.83 -7.58
N PHE A 391 10.94 -4.94 -7.56
CA PHE A 391 11.22 -6.02 -8.50
C PHE A 391 10.99 -5.55 -9.94
N THR A 392 9.98 -4.72 -10.16
CA THR A 392 9.69 -4.24 -11.50
C THR A 392 10.79 -3.27 -11.96
N ALA A 393 11.24 -2.40 -11.04
CA ALA A 393 12.35 -1.49 -11.38
C ALA A 393 13.60 -2.25 -11.80
N LEU A 394 13.93 -3.30 -11.06
CA LEU A 394 15.06 -4.17 -11.39
C LEU A 394 14.86 -4.83 -12.76
N LEU A 395 13.67 -5.35 -13.01
CA LEU A 395 13.37 -5.93 -14.33
C LEU A 395 13.62 -4.93 -15.47
N LEU A 396 13.29 -3.67 -15.24
CA LEU A 396 13.34 -2.67 -16.30
C LEU A 396 14.70 -1.97 -16.41
N SER A 397 15.61 -2.25 -15.48
CA SER A 397 16.89 -1.54 -15.51
C SER A 397 18.10 -2.46 -15.56
N LEU A 398 17.89 -3.76 -15.34
CA LEU A 398 19.00 -4.71 -15.41
C LEU A 398 19.26 -5.06 -16.87
N PRO A 399 20.46 -5.60 -17.18
CA PRO A 399 20.79 -5.85 -18.58
C PRO A 399 19.89 -6.91 -19.19
N GLY A 400 19.38 -6.67 -20.39
CA GLY A 400 18.52 -7.64 -21.05
C GLY A 400 17.26 -6.98 -21.56
N SER A 401 16.46 -7.74 -22.31
CA SER A 401 15.18 -7.26 -22.77
C SER A 401 14.13 -7.90 -21.86
N PRO A 402 13.33 -7.07 -21.19
CA PRO A 402 12.43 -7.64 -20.18
C PRO A 402 11.12 -8.15 -20.78
N VAL A 403 10.56 -9.18 -20.15
CA VAL A 403 9.26 -9.70 -20.52
C VAL A 403 8.32 -9.47 -19.34
N LEU A 404 7.23 -8.76 -19.60
CA LEU A 404 6.16 -8.53 -18.60
C LEU A 404 5.12 -9.59 -18.84
N TYR A 405 4.55 -10.15 -17.76
CA TYR A 405 3.51 -11.17 -17.91
C TYR A 405 2.13 -10.52 -17.74
N TYR A 406 1.18 -10.85 -18.62
CA TYR A 406 -0.11 -10.13 -18.68
C TYR A 406 -0.76 -10.18 -17.30
N GLY A 407 -1.24 -9.03 -16.85
CA GLY A 407 -1.92 -8.96 -15.57
C GLY A 407 -1.04 -8.52 -14.42
N ASP A 408 0.27 -8.76 -14.52
CA ASP A 408 1.16 -8.29 -13.47
C ASP A 408 1.13 -6.77 -13.35
N GLU A 409 0.79 -6.08 -14.45
CA GLU A 409 0.75 -4.62 -14.41
C GLU A 409 -0.41 -4.04 -13.59
N ILE A 410 -1.43 -4.84 -13.29
CA ILE A 410 -2.48 -4.41 -12.37
C ILE A 410 -2.42 -5.15 -11.04
N GLY A 411 -1.47 -6.06 -10.90
CA GLY A 411 -1.33 -6.79 -9.65
C GLY A 411 -2.29 -7.95 -9.53
N MET A 412 -2.59 -8.60 -10.64
CA MET A 412 -3.41 -9.81 -10.58
C MET A 412 -2.81 -10.90 -9.72
N GLY A 413 -3.71 -11.71 -9.15
CA GLY A 413 -3.32 -12.88 -8.38
C GLY A 413 -3.40 -14.12 -9.23
N ASP A 414 -3.31 -15.28 -8.60
CA ASP A 414 -3.37 -16.53 -9.33
C ASP A 414 -4.31 -17.46 -8.59
N ILE A 415 -4.55 -18.64 -9.14
CA ILE A 415 -5.43 -19.59 -8.48
C ILE A 415 -4.74 -20.93 -8.56
N ILE A 416 -3.94 -21.24 -7.55
CA ILE A 416 -3.03 -22.38 -7.66
C ILE A 416 -3.72 -23.73 -7.88
N TRP A 417 -4.95 -23.86 -7.38
CA TRP A 417 -5.67 -25.13 -7.49
C TRP A 417 -6.04 -25.50 -8.92
N LEU A 418 -5.91 -24.54 -9.84
CA LEU A 418 -6.24 -24.79 -11.24
C LEU A 418 -5.18 -25.63 -11.93
N GLY A 419 -3.99 -25.71 -11.35
CA GLY A 419 -2.90 -26.45 -11.95
C GLY A 419 -1.59 -25.69 -11.89
N ASP A 420 -0.47 -26.38 -12.10
CA ASP A 420 0.84 -25.76 -11.89
C ASP A 420 1.13 -24.66 -12.89
N ARG A 421 0.53 -24.79 -14.06
CA ARG A 421 0.65 -23.78 -15.10
CA ARG A 421 0.65 -23.76 -15.08
C ARG A 421 -0.61 -22.89 -15.14
N ASP A 422 -1.78 -23.53 -15.06
CA ASP A 422 -3.04 -22.79 -15.17
C ASP A 422 -3.29 -21.82 -14.04
N SER A 423 -2.53 -21.96 -12.96
CA SER A 423 -2.57 -21.02 -11.84
C SER A 423 -2.49 -19.58 -12.34
N VAL A 424 -1.63 -19.32 -13.31
CA VAL A 424 -1.41 -17.95 -13.78
C VAL A 424 -2.06 -17.64 -15.12
N ARG A 425 -2.98 -18.49 -15.55
CA ARG A 425 -3.62 -18.34 -16.87
C ARG A 425 -5.11 -17.98 -16.83
N THR A 426 -5.54 -17.38 -15.72
CA THR A 426 -6.94 -16.98 -15.57
C THR A 426 -7.23 -15.71 -16.38
N PRO A 427 -8.53 -15.38 -16.57
CA PRO A 427 -8.84 -14.28 -17.51
C PRO A 427 -8.31 -12.94 -17.06
N MET A 428 -7.90 -12.15 -18.04
CA MET A 428 -7.47 -10.79 -17.77
C MET A 428 -8.63 -10.04 -17.11
N GLN A 429 -8.34 -9.27 -16.06
CA GLN A 429 -9.40 -8.61 -15.29
C GLN A 429 -9.57 -7.16 -15.75
N TRP A 430 -10.51 -6.97 -16.67
CA TRP A 430 -10.71 -5.67 -17.30
C TRP A 430 -11.55 -4.71 -16.48
N THR A 431 -12.61 -5.23 -15.86
CA THR A 431 -13.58 -4.38 -15.15
C THR A 431 -14.11 -5.16 -13.95
N PRO A 432 -14.86 -4.50 -13.04
CA PRO A 432 -15.47 -5.26 -11.93
C PRO A 432 -16.79 -5.90 -12.30
N ASP A 433 -17.14 -5.88 -13.59
CA ASP A 433 -18.39 -6.46 -14.07
C ASP A 433 -18.29 -7.97 -14.11
N ARG A 434 -19.41 -8.60 -14.41
CA ARG A 434 -19.54 -10.05 -14.63
C ARG A 434 -18.36 -10.58 -15.44
N ASN A 435 -17.77 -11.70 -14.98
CA ASN A 435 -16.61 -12.31 -15.62
C ASN A 435 -15.42 -11.37 -15.76
N ALA A 436 -15.31 -10.39 -14.86
CA ALA A 436 -14.24 -9.39 -14.93
C ALA A 436 -14.18 -8.67 -16.27
N GLY A 437 -15.31 -8.66 -16.98
CA GLY A 437 -15.36 -7.98 -18.26
C GLY A 437 -14.61 -8.70 -19.38
N PHE A 438 -14.21 -9.93 -19.11
CA PHE A 438 -13.47 -10.73 -20.09
C PHE A 438 -14.38 -11.35 -21.15
N SER A 439 -15.63 -11.61 -20.78
CA SER A 439 -16.54 -12.32 -21.67
C SER A 439 -17.98 -11.98 -21.36
N LYS A 440 -18.86 -12.11 -22.35
CA LYS A 440 -20.30 -12.00 -22.13
C LYS A 440 -20.97 -13.36 -21.90
N ALA A 441 -20.19 -14.44 -21.93
CA ALA A 441 -20.75 -15.78 -21.76
C ALA A 441 -21.19 -15.98 -20.31
N THR A 442 -21.92 -17.08 -20.06
CA THR A 442 -22.27 -17.40 -18.68
C THR A 442 -21.00 -17.83 -17.97
N PRO A 443 -20.90 -17.57 -16.64
CA PRO A 443 -19.67 -17.87 -15.89
C PRO A 443 -19.26 -19.33 -15.98
N GLY A 444 -20.24 -20.22 -16.09
CA GLY A 444 -19.94 -21.65 -16.14
C GLY A 444 -19.30 -22.08 -17.45
N ARG A 445 -19.36 -21.23 -18.46
CA ARG A 445 -18.78 -21.53 -19.77
C ARG A 445 -17.38 -20.97 -19.96
N LEU A 446 -16.89 -20.18 -19.01
CA LEU A 446 -15.52 -19.65 -19.10
C LEU A 446 -14.48 -20.77 -19.10
N TYR A 447 -13.41 -20.58 -19.86
CA TYR A 447 -12.37 -21.62 -19.99
C TYR A 447 -11.71 -21.83 -18.61
N LEU A 448 -11.55 -20.74 -17.85
CA LEU A 448 -11.09 -20.77 -16.45
C LEU A 448 -11.77 -19.59 -15.76
N PRO A 449 -11.98 -19.67 -14.43
CA PRO A 449 -12.66 -18.58 -13.71
C PRO A 449 -11.72 -17.45 -13.36
N PRO A 450 -12.26 -16.22 -13.20
CA PRO A 450 -11.42 -15.12 -12.70
C PRO A 450 -11.19 -15.27 -11.21
N ASN A 451 -10.17 -14.58 -10.68
CA ASN A 451 -9.96 -14.51 -9.24
C ASN A 451 -11.20 -13.90 -8.59
N GLN A 452 -11.62 -14.43 -7.44
CA GLN A 452 -12.82 -13.94 -6.75
C GLN A 452 -12.62 -13.64 -5.27
N ASP A 453 -11.39 -13.69 -4.81
CA ASP A 453 -11.14 -13.51 -3.38
C ASP A 453 -11.05 -12.04 -3.03
N ALA A 454 -10.95 -11.70 -1.74
CA ALA A 454 -11.04 -10.31 -1.31
C ALA A 454 -9.81 -9.49 -1.71
N VAL A 455 -8.67 -10.16 -1.86
CA VAL A 455 -7.44 -9.43 -2.20
C VAL A 455 -7.27 -9.25 -3.71
N TYR A 456 -7.38 -10.34 -4.46
CA TYR A 456 -7.08 -10.31 -5.89
C TYR A 456 -8.30 -10.36 -6.80
N GLY A 457 -9.49 -10.52 -6.21
CA GLY A 457 -10.70 -10.65 -7.00
C GLY A 457 -10.98 -9.47 -7.92
N TYR A 458 -11.70 -9.73 -9.02
CA TYR A 458 -11.94 -8.69 -10.00
C TYR A 458 -12.81 -7.56 -9.47
N HIS A 459 -13.48 -7.76 -8.33
CA HIS A 459 -14.26 -6.65 -7.79
C HIS A 459 -13.35 -5.56 -7.27
N SER A 460 -12.11 -5.92 -6.93
CA SER A 460 -11.17 -4.90 -6.45
C SER A 460 -9.96 -4.70 -7.36
N VAL A 461 -9.57 -5.72 -8.11
CA VAL A 461 -8.40 -5.62 -9.00
C VAL A 461 -8.81 -5.75 -10.45
N ASN A 462 -8.74 -4.64 -11.19
CA ASN A 462 -9.12 -4.67 -12.58
C ASN A 462 -8.61 -3.42 -13.26
N VAL A 463 -8.51 -3.45 -14.59
CA VAL A 463 -7.90 -2.35 -15.33
C VAL A 463 -8.70 -1.06 -15.13
N GLU A 464 -10.01 -1.16 -15.24
CA GLU A 464 -10.89 0.01 -15.18
C GLU A 464 -10.70 0.80 -13.89
N ALA A 465 -10.63 0.08 -12.77
CA ALA A 465 -10.47 0.73 -11.46
C ALA A 465 -9.12 1.45 -11.38
N GLN A 466 -8.13 0.98 -12.12
CA GLN A 466 -6.81 1.54 -11.99
C GLN A 466 -6.50 2.63 -13.01
N LEU A 467 -7.35 2.74 -14.02
CA LEU A 467 -7.18 3.78 -15.04
C LEU A 467 -7.19 5.22 -14.48
N ASP A 468 -8.06 5.48 -13.51
CA ASP A 468 -8.23 6.85 -12.99
C ASP A 468 -7.00 7.42 -12.25
N SER A 469 -6.70 6.85 -11.08
CA SER A 469 -5.62 7.39 -10.23
C SER A 469 -4.25 7.27 -10.86
N SER A 470 -3.50 8.38 -10.85
CA SER A 470 -2.15 8.39 -11.36
C SER A 470 -1.26 7.56 -10.44
N SER A 471 -1.78 7.19 -9.27
CA SER A 471 -1.00 6.42 -8.31
C SER A 471 -1.31 4.91 -8.30
N SER A 472 -2.13 4.45 -9.24
CA SER A 472 -2.43 3.02 -9.32
C SER A 472 -1.19 2.26 -9.77
N LEU A 473 -1.13 0.96 -9.50
CA LEU A 473 -0.03 0.15 -9.99
C LEU A 473 0.03 0.18 -11.51
N LEU A 474 -1.13 0.18 -12.15
CA LEU A 474 -1.17 0.22 -13.62
C LEU A 474 -0.52 1.49 -14.16
N ASN A 475 -0.92 2.64 -13.64
CA ASN A 475 -0.34 3.88 -14.13
C ASN A 475 1.13 4.04 -13.76
N TRP A 476 1.51 3.55 -12.59
CA TRP A 476 2.92 3.50 -12.20
C TRP A 476 3.74 2.65 -13.18
N THR A 477 3.24 1.47 -13.54
CA THR A 477 3.94 0.58 -14.46
C THR A 477 4.07 1.22 -15.84
N ARG A 478 2.97 1.79 -16.33
CA ARG A 478 3.00 2.50 -17.60
C ARG A 478 4.02 3.63 -17.60
N ASN A 479 4.05 4.40 -16.51
CA ASN A 479 5.01 5.49 -16.41
CA ASN A 479 5.02 5.49 -16.45
C ASN A 479 6.46 5.00 -16.43
N MET A 480 6.72 3.90 -15.70
CA MET A 480 8.06 3.32 -15.68
C MET A 480 8.49 2.83 -17.06
N LEU A 481 7.57 2.23 -17.81
CA LEU A 481 7.86 1.86 -19.19
C LEU A 481 8.19 3.08 -20.06
N ALA A 482 7.47 4.18 -19.83
CA ALA A 482 7.70 5.40 -20.62
C ALA A 482 9.08 5.97 -20.30
N VAL A 483 9.44 5.95 -19.02
CA VAL A 483 10.76 6.41 -18.60
C VAL A 483 11.85 5.56 -19.23
N ARG A 484 11.70 4.24 -19.14
CA ARG A 484 12.71 3.34 -19.71
C ARG A 484 12.91 3.60 -21.19
N SER A 485 11.81 3.82 -21.89
CA SER A 485 11.83 3.97 -23.35
C SER A 485 12.60 5.22 -23.78
N ARG A 486 12.76 6.17 -22.87
CA ARG A 486 13.46 7.41 -23.18
C ARG A 486 14.97 7.34 -22.95
N HIS A 487 15.46 6.18 -22.51
CA HIS A 487 16.89 6.01 -22.22
C HIS A 487 17.45 4.71 -22.80
N ASP A 488 18.18 4.83 -23.91
CA ASP A 488 18.77 3.66 -24.57
C ASP A 488 19.70 2.87 -23.66
N ALA A 489 20.26 3.53 -22.64
CA ALA A 489 21.16 2.86 -21.71
C ALA A 489 20.52 1.63 -21.05
N PHE A 490 19.24 1.70 -20.77
CA PHE A 490 18.57 0.56 -20.13
C PHE A 490 18.52 -0.66 -21.05
N ALA A 491 18.39 -0.41 -22.35
CA ALA A 491 18.26 -1.50 -23.32
C ALA A 491 19.60 -2.08 -23.77
N VAL A 492 20.55 -1.21 -24.10
CA VAL A 492 21.79 -1.67 -24.72
C VAL A 492 23.04 -1.11 -24.05
N GLY A 493 22.86 -0.42 -22.93
CA GLY A 493 23.99 0.19 -22.25
C GLY A 493 24.89 -0.83 -21.57
N THR A 494 26.11 -0.41 -21.25
CA THR A 494 26.99 -1.25 -20.43
C THR A 494 26.39 -1.38 -19.04
N PHE A 495 26.96 -2.26 -18.23
CA PHE A 495 26.52 -2.44 -16.85
C PHE A 495 27.73 -2.36 -15.93
N ARG A 496 27.75 -1.36 -15.05
CA ARG A 496 28.81 -1.27 -14.06
C ARG A 496 28.23 -1.19 -12.66
N GLU A 497 28.44 -2.26 -11.90
CA GLU A 497 28.01 -2.30 -10.51
C GLU A 497 28.99 -1.45 -9.69
N LEU A 498 28.45 -0.62 -8.80
CA LEU A 498 29.24 0.43 -8.15
C LEU A 498 29.78 0.04 -6.77
N GLY A 499 29.36 -1.10 -6.25
CA GLY A 499 29.77 -1.52 -4.93
C GLY A 499 29.11 -0.64 -3.88
N GLY A 500 29.93 -0.04 -3.02
CA GLY A 500 29.44 0.89 -2.02
C GLY A 500 29.57 0.35 -0.62
N SER A 501 29.45 1.24 0.35
CA SER A 501 29.58 0.90 1.78
C SER A 501 28.61 -0.17 2.26
N ASN A 502 27.38 -0.14 1.73
CA ASN A 502 26.28 -0.89 2.31
C ASN A 502 25.89 -2.09 1.44
N PRO A 503 26.03 -3.31 1.98
CA PRO A 503 25.71 -4.51 1.19
C PRO A 503 24.21 -4.70 0.99
N SER A 504 23.39 -3.95 1.71
CA SER A 504 21.94 -4.03 1.52
C SER A 504 21.44 -3.26 0.28
N VAL A 505 22.32 -2.46 -0.31
CA VAL A 505 21.93 -1.64 -1.45
C VAL A 505 22.67 -2.03 -2.71
N LEU A 506 21.93 -2.20 -3.81
CA LEU A 506 22.50 -2.51 -5.11
C LEU A 506 22.46 -1.27 -5.97
N ALA A 507 23.64 -0.77 -6.35
CA ALA A 507 23.73 0.42 -7.19
C ALA A 507 24.53 0.10 -8.44
N TYR A 508 24.08 0.63 -9.58
CA TYR A 508 24.79 0.40 -10.82
C TYR A 508 24.56 1.53 -11.80
N ILE A 509 25.47 1.63 -12.77
CA ILE A 509 25.30 2.59 -13.85
C ILE A 509 25.10 1.84 -15.17
N ARG A 510 24.16 2.34 -15.98
CA ARG A 510 24.00 1.84 -17.34
C ARG A 510 24.48 2.96 -18.24
N GLU A 511 25.29 2.63 -19.24
CA GLU A 511 25.92 3.67 -20.02
C GLU A 511 25.96 3.31 -21.50
N VAL A 512 25.61 4.26 -22.33
CA VAL A 512 25.77 4.07 -23.76
C VAL A 512 26.56 5.27 -24.29
N THR A 513 27.34 5.04 -25.34
CA THR A 513 28.19 6.12 -25.86
C THR A 513 27.75 6.53 -27.27
N THR A 523 27.08 8.77 -23.23
CA THR A 523 26.39 10.06 -23.12
C THR A 523 24.94 9.92 -22.65
N ASP A 524 24.36 8.75 -22.80
CA ASP A 524 23.18 8.42 -22.02
C ASP A 524 23.68 7.60 -20.83
N ALA A 525 23.75 8.24 -19.67
CA ALA A 525 24.21 7.56 -18.47
C ALA A 525 23.14 7.64 -17.41
N VAL A 526 22.79 6.48 -16.84
CA VAL A 526 21.77 6.44 -15.81
C VAL A 526 22.32 5.71 -14.59
N LEU A 527 21.92 6.22 -13.41
CA LEU A 527 22.32 5.65 -12.15
C LEU A 527 21.09 5.06 -11.49
N CYS A 528 21.16 3.78 -11.13
CA CYS A 528 20.05 3.10 -10.47
C CYS A 528 20.51 2.62 -9.11
N VAL A 529 19.71 2.90 -8.10
CA VAL A 529 20.04 2.52 -6.73
C VAL A 529 18.84 1.79 -6.14
N ASN A 530 19.07 0.59 -5.61
CA ASN A 530 17.97 -0.25 -5.12
C ASN A 530 18.20 -0.74 -3.71
N ASN A 531 17.24 -0.51 -2.83
CA ASN A 531 17.36 -0.96 -1.44
C ASN A 531 16.72 -2.33 -1.24
N LEU A 532 17.55 -3.35 -1.02
CA LEU A 532 17.06 -4.71 -0.77
C LEU A 532 16.56 -4.93 0.66
N SER A 533 16.83 -3.98 1.55
CA SER A 533 16.40 -4.07 2.96
C SER A 533 14.99 -3.51 3.19
N ARG A 534 14.26 -4.08 4.14
CA ARG A 534 12.92 -3.58 4.46
C ARG A 534 12.97 -2.28 5.26
N PHE A 535 14.16 -1.87 5.70
CA PHE A 535 14.33 -0.66 6.47
C PHE A 535 15.09 0.40 5.68
N PRO A 536 14.98 1.68 6.10
CA PRO A 536 15.75 2.72 5.41
C PRO A 536 17.25 2.49 5.50
N GLN A 537 17.95 2.81 4.41
CA GLN A 537 19.38 2.54 4.28
C GLN A 537 20.10 3.71 3.62
N PRO A 538 21.28 4.05 4.13
CA PRO A 538 22.15 5.05 3.51
C PRO A 538 23.16 4.33 2.62
N ILE A 539 23.55 4.96 1.52
CA ILE A 539 24.65 4.39 0.75
C ILE A 539 25.59 5.50 0.28
N GLU A 540 26.88 5.28 0.45
CA GLU A 540 27.87 6.24 -0.05
C GLU A 540 28.57 5.65 -1.25
N LEU A 541 28.49 6.38 -2.36
CA LEU A 541 28.98 5.88 -3.65
C LEU A 541 30.18 6.68 -4.13
N ASN A 542 31.18 5.97 -4.64
CA ASN A 542 32.32 6.61 -5.29
C ASN A 542 31.99 6.89 -6.75
N LEU A 543 31.51 8.11 -7.01
CA LEU A 543 31.10 8.48 -8.36
C LEU A 543 32.07 9.49 -8.97
N GLN A 544 33.32 9.43 -8.53
CA GLN A 544 34.31 10.44 -8.93
C GLN A 544 34.48 10.53 -10.45
N GLN A 545 34.39 9.41 -11.14
CA GLN A 545 34.45 9.40 -12.61
C GLN A 545 33.43 10.34 -13.25
N TRP A 546 32.30 10.52 -12.59
CA TRP A 546 31.24 11.39 -13.08
C TRP A 546 31.20 12.71 -12.31
N ALA A 547 32.34 13.10 -11.75
CA ALA A 547 32.43 14.37 -11.02
C ALA A 547 31.93 15.53 -11.88
N GLY A 548 31.16 16.43 -11.26
CA GLY A 548 30.59 17.56 -11.99
C GLY A 548 29.20 17.29 -12.53
N TYR A 549 28.91 16.02 -12.84
CA TYR A 549 27.59 15.64 -13.38
C TYR A 549 26.46 15.92 -12.40
N ILE A 550 25.27 16.19 -12.93
CA ILE A 550 24.11 16.45 -12.09
C ILE A 550 23.09 15.33 -12.22
N PRO A 551 22.83 14.63 -11.11
CA PRO A 551 21.82 13.57 -11.13
C PRO A 551 20.43 14.19 -11.18
N VAL A 552 19.64 13.83 -12.18
CA VAL A 552 18.28 14.31 -12.29
C VAL A 552 17.38 13.09 -12.13
N GLU A 553 16.56 13.09 -11.08
CA GLU A 553 15.69 11.95 -10.81
C GLU A 553 14.64 11.86 -11.92
N MET A 554 14.38 10.66 -12.41
CA MET A 554 13.68 10.52 -13.69
C MET A 554 12.15 10.65 -13.69
N THR A 555 11.51 10.76 -12.53
CA THR A 555 10.07 10.94 -12.55
C THR A 555 9.59 12.35 -12.18
N GLY A 556 10.31 13.02 -11.29
CA GLY A 556 9.96 14.38 -10.96
C GLY A 556 10.91 15.39 -11.59
N TYR A 557 11.96 14.88 -12.22
CA TYR A 557 12.99 15.72 -12.84
C TYR A 557 13.65 16.69 -11.87
N VAL A 558 13.62 16.39 -10.58
CA VAL A 558 14.31 17.23 -9.62
C VAL A 558 15.82 17.03 -9.75
N GLU A 559 16.55 18.13 -9.80
CA GLU A 559 18.00 18.06 -9.87
C GLU A 559 18.58 17.86 -8.48
N PHE A 560 19.40 16.82 -8.35
CA PHE A 560 20.06 16.53 -7.08
C PHE A 560 21.43 17.21 -7.06
N PRO A 561 22.05 17.32 -5.87
CA PRO A 561 23.37 17.95 -5.77
C PRO A 561 24.39 17.36 -6.75
N SER A 562 25.21 18.22 -7.34
CA SER A 562 26.23 17.78 -8.29
C SER A 562 27.21 16.81 -7.62
N ILE A 563 27.68 15.84 -8.40
CA ILE A 563 28.65 14.86 -7.94
C ILE A 563 30.01 15.53 -7.75
N GLY A 564 30.66 15.24 -6.62
CA GLY A 564 31.96 15.80 -6.33
C GLY A 564 33.02 14.73 -6.12
N GLN A 565 34.05 15.07 -5.33
CA GLN A 565 35.13 14.14 -5.07
C GLN A 565 34.86 13.31 -3.82
N LEU A 566 34.02 13.85 -2.95
CA LEU A 566 33.57 13.11 -1.79
C LEU A 566 32.52 12.08 -2.21
N PRO A 567 32.43 10.96 -1.47
CA PRO A 567 31.42 9.95 -1.79
C PRO A 567 30.02 10.54 -1.75
N TYR A 568 29.17 10.13 -2.68
CA TYR A 568 27.84 10.69 -2.80
C TYR A 568 26.87 9.92 -1.91
N LEU A 569 26.21 10.62 -0.98
CA LEU A 569 25.27 9.96 -0.08
C LEU A 569 23.85 9.93 -0.64
N LEU A 570 23.32 8.72 -0.79
CA LEU A 570 21.91 8.56 -1.09
C LEU A 570 21.25 7.81 0.06
N THR A 571 20.03 8.20 0.39
CA THR A 571 19.27 7.52 1.45
C THR A 571 17.96 7.01 0.86
N LEU A 572 17.64 5.75 1.14
CA LEU A 572 16.46 5.10 0.57
C LEU A 572 15.54 4.54 1.65
N PRO A 573 14.22 4.63 1.45
CA PRO A 573 13.29 3.97 2.36
C PRO A 573 13.36 2.46 2.14
N GLY A 574 12.77 1.68 3.02
CA GLY A 574 12.74 0.23 2.87
C GLY A 574 12.20 -0.18 1.50
N HIS A 575 12.94 -1.04 0.82
CA HIS A 575 12.58 -1.52 -0.52
C HIS A 575 12.44 -0.42 -1.58
N GLY A 576 13.04 0.74 -1.33
CA GLY A 576 12.94 1.86 -2.26
C GLY A 576 13.94 1.75 -3.40
N PHE A 577 13.74 2.57 -4.44
CA PHE A 577 14.72 2.68 -5.50
C PHE A 577 14.65 4.07 -6.10
N TYR A 578 15.76 4.51 -6.72
CA TYR A 578 15.79 5.75 -7.48
C TYR A 578 16.45 5.46 -8.82
N TRP A 579 15.98 6.13 -9.86
CA TRP A 579 16.67 6.18 -11.14
C TRP A 579 17.07 7.62 -11.40
N PHE A 580 18.35 7.83 -11.75
CA PHE A 580 18.84 9.17 -12.07
C PHE A 580 19.45 9.20 -13.45
N GLN A 581 19.12 10.22 -14.22
CA GLN A 581 19.89 10.51 -15.42
C GLN A 581 21.10 11.33 -14.99
N LEU A 582 22.29 10.90 -15.39
CA LEU A 582 23.49 11.67 -15.08
C LEU A 582 23.75 12.70 -16.17
N ARG A 583 23.38 13.95 -15.89
CA ARG A 583 23.46 15.02 -16.87
C ARG A 583 24.81 15.72 -16.85
N GLU A 584 25.41 15.85 -18.02
CA GLU A 584 26.69 16.55 -18.17
C GLU A 584 26.57 18.01 -17.71
N PRO A 585 27.67 18.56 -17.17
CA PRO A 585 27.66 19.96 -16.71
C PRO A 585 27.62 20.93 -17.88
N ASP A 586 27.31 22.19 -17.58
CA ASP A 586 27.41 23.26 -18.57
C ASP A 586 28.86 23.73 -18.70
N HIS B 17 -30.66 12.63 41.97
CA HIS B 17 -29.36 12.23 41.46
C HIS B 17 -28.74 11.09 42.29
N PRO B 18 -28.14 10.10 41.60
CA PRO B 18 -27.33 9.06 42.24
C PRO B 18 -26.20 9.67 43.06
N ASN B 19 -25.60 8.91 43.96
CA ASN B 19 -24.69 9.49 44.94
C ASN B 19 -23.31 8.80 45.08
N ALA B 20 -22.77 8.31 43.97
CA ALA B 20 -21.38 7.85 43.90
C ALA B 20 -20.99 6.77 44.92
N GLU B 21 -21.15 7.07 46.21
CA GLU B 21 -20.97 6.10 47.29
C GLU B 21 -21.73 4.82 46.98
N ASP B 22 -22.91 4.98 46.40
CA ASP B 22 -23.81 3.89 46.06
C ASP B 22 -23.20 2.94 45.03
N PHE B 23 -22.11 3.36 44.40
CA PHE B 23 -21.43 2.55 43.41
C PHE B 23 -20.04 2.13 43.88
N GLY B 24 -19.44 1.20 43.15
CA GLY B 24 -18.04 0.92 43.34
C GLY B 24 -17.25 2.10 42.81
N HIS B 25 -15.94 2.08 43.03
CA HIS B 25 -15.07 3.08 42.43
C HIS B 25 -13.88 2.33 41.83
N ALA B 26 -13.28 2.90 40.79
CA ALA B 26 -12.11 2.27 40.19
C ALA B 26 -10.89 2.55 41.04
N ARG B 27 -9.92 1.64 41.08
CA ARG B 27 -8.65 1.95 41.72
C ARG B 27 -7.88 2.97 40.91
N THR B 28 -7.34 3.97 41.62
CA THR B 28 -6.64 5.07 40.98
C THR B 28 -5.23 4.66 40.59
N LEU B 29 -4.76 5.16 39.45
CA LEU B 29 -3.35 5.01 39.09
C LEU B 29 -2.54 5.97 39.96
N PRO B 30 -1.24 5.67 40.18
CA PRO B 30 -0.38 6.61 40.89
C PRO B 30 -0.47 7.96 40.20
N THR B 31 -0.61 9.04 40.96
CA THR B 31 -0.79 10.35 40.34
C THR B 31 0.47 10.78 39.57
N ASP B 32 0.25 11.23 38.33
CA ASP B 32 1.33 11.64 37.43
C ASP B 32 0.86 12.92 36.73
N THR B 33 1.28 14.07 37.24
CA THR B 33 0.72 15.35 36.80
C THR B 33 0.97 15.69 35.33
N ASN B 34 1.85 14.93 34.68
CA ASN B 34 2.17 15.19 33.28
C ASN B 34 1.79 14.08 32.34
N TRP B 35 1.00 13.11 32.80
CA TRP B 35 0.72 11.91 31.99
C TRP B 35 0.13 12.27 30.64
N PHE B 36 -0.69 13.30 30.62
CA PHE B 36 -1.39 13.65 29.39
C PHE B 36 -0.45 14.25 28.34
N LYS B 37 0.73 14.73 28.77
CA LYS B 37 1.69 15.25 27.81
C LYS B 37 2.35 14.13 27.03
N HIS B 38 2.45 12.96 27.66
CA HIS B 38 3.16 11.83 27.06
C HIS B 38 2.17 10.87 26.38
N ALA B 39 0.88 11.11 26.59
CA ALA B 39 -0.16 10.19 26.13
C ALA B 39 -0.47 10.25 24.64
N VAL B 40 -0.73 9.09 24.06
CA VAL B 40 -1.45 9.01 22.78
C VAL B 40 -2.87 8.61 23.13
N PHE B 41 -3.83 9.42 22.71
CA PHE B 41 -5.24 9.18 22.99
C PHE B 41 -5.85 8.38 21.84
N TYR B 42 -6.92 7.63 22.13
CA TYR B 42 -7.60 6.82 21.13
C TYR B 42 -9.08 7.12 21.29
N GLU B 43 -9.66 7.83 20.32
CA GLU B 43 -11.07 8.14 20.39
C GLU B 43 -11.87 6.93 19.90
N VAL B 44 -12.69 6.38 20.78
CA VAL B 44 -13.46 5.19 20.46
C VAL B 44 -14.88 5.35 20.98
N LEU B 45 -15.85 5.06 20.14
CA LEU B 45 -17.25 5.16 20.56
C LEU B 45 -17.68 3.84 21.14
N VAL B 46 -18.33 3.90 22.30
CA VAL B 46 -18.84 2.69 22.95
C VAL B 46 -19.79 1.95 22.01
N ARG B 47 -20.64 2.69 21.30
CA ARG B 47 -21.64 2.02 20.46
C ARG B 47 -21.00 1.25 19.31
N ALA B 48 -19.78 1.62 18.94
CA ALA B 48 -19.15 1.12 17.71
C ALA B 48 -18.11 0.03 17.90
N PHE B 49 -17.58 -0.14 19.11
CA PHE B 49 -16.39 -0.95 19.23
C PHE B 49 -16.66 -2.46 19.28
N TYR B 50 -17.47 -2.88 20.24
CA TYR B 50 -17.78 -4.30 20.32
C TYR B 50 -19.10 -4.57 21.03
N ASP B 51 -19.96 -5.36 20.40
CA ASP B 51 -21.24 -5.74 20.97
C ASP B 51 -21.11 -7.10 21.64
N SER B 52 -21.09 -7.10 22.96
CA SER B 52 -20.90 -8.34 23.71
C SER B 52 -22.19 -9.09 24.00
N ASN B 53 -23.33 -8.47 23.78
CA ASN B 53 -24.60 -9.10 24.18
C ASN B 53 -25.60 -9.28 23.06
N ALA B 54 -25.13 -9.21 21.82
CA ALA B 54 -25.92 -9.55 20.63
C ALA B 54 -27.22 -8.77 20.47
N ASP B 55 -27.21 -7.49 20.85
CA ASP B 55 -28.35 -6.63 20.58
C ASP B 55 -28.07 -5.68 19.42
N GLY B 56 -26.88 -5.81 18.82
CA GLY B 56 -26.53 -5.03 17.64
C GLY B 56 -25.88 -3.71 18.01
N ILE B 57 -25.69 -3.49 19.30
CA ILE B 57 -25.18 -2.22 19.78
C ILE B 57 -23.93 -2.44 20.63
N GLY B 58 -22.88 -1.66 20.38
CA GLY B 58 -21.65 -1.81 21.16
C GLY B 58 -21.94 -1.42 22.60
N ASP B 59 -21.17 -2.00 23.53
CA ASP B 59 -21.47 -1.75 24.93
C ASP B 59 -20.20 -1.73 25.78
N LEU B 60 -20.35 -1.31 27.04
CA LEU B 60 -19.19 -1.14 27.92
C LEU B 60 -18.49 -2.46 28.21
N ARG B 61 -19.27 -3.51 28.40
CA ARG B 61 -18.70 -4.83 28.61
C ARG B 61 -17.89 -5.27 27.38
N GLY B 62 -18.41 -4.96 26.19
CA GLY B 62 -17.70 -5.28 24.96
C GLY B 62 -16.39 -4.51 24.86
N LEU B 63 -16.44 -3.21 25.17
CA LEU B 63 -15.23 -2.41 25.16
C LEU B 63 -14.20 -2.97 26.16
N THR B 64 -14.68 -3.42 27.31
CA THR B 64 -13.81 -4.03 28.32
C THR B 64 -13.08 -5.27 27.79
N GLU B 65 -13.82 -6.13 27.08
CA GLU B 65 -13.23 -7.30 26.46
C GLU B 65 -12.15 -6.96 25.44
N LYS B 66 -12.27 -5.81 24.78
CA LYS B 66 -11.32 -5.42 23.74
C LYS B 66 -10.14 -4.59 24.27
N LEU B 67 -10.01 -4.48 25.59
CA LEU B 67 -8.87 -3.75 26.14
C LEU B 67 -7.54 -4.42 25.79
N ASP B 68 -7.57 -5.72 25.57
CA ASP B 68 -6.34 -6.40 25.15
C ASP B 68 -5.80 -5.89 23.82
N TYR B 69 -6.71 -5.65 22.88
CA TYR B 69 -6.31 -5.07 21.60
C TYR B 69 -5.78 -3.66 21.79
N ILE B 70 -6.48 -2.88 22.59
CA ILE B 70 -6.09 -1.49 22.82
C ILE B 70 -4.70 -1.41 23.47
N LYS B 71 -4.46 -2.28 24.44
CA LYS B 71 -3.14 -2.36 25.07
C LYS B 71 -2.08 -2.76 24.06
N TRP B 72 -2.39 -3.77 23.25
CA TRP B 72 -1.44 -4.24 22.24
C TRP B 72 -1.12 -3.11 21.26
N LEU B 73 -2.13 -2.34 20.89
CA LEU B 73 -1.91 -1.25 19.95
C LEU B 73 -0.95 -0.22 20.53
N GLY B 74 -1.06 0.02 21.83
CA GLY B 74 -0.08 0.83 22.53
C GLY B 74 -0.52 2.25 22.82
N VAL B 75 -1.81 2.49 22.82
CA VAL B 75 -2.32 3.81 23.19
C VAL B 75 -2.47 3.94 24.70
N ASP B 76 -2.46 5.17 25.19
CA ASP B 76 -2.34 5.42 26.63
C ASP B 76 -3.64 5.82 27.30
N CYS B 77 -4.58 6.34 26.52
CA CYS B 77 -5.81 6.84 27.09
C CYS B 77 -6.93 6.74 26.07
N LEU B 78 -8.06 6.20 26.51
CA LEU B 78 -9.28 6.14 25.70
C LEU B 78 -10.00 7.46 25.84
N TRP B 79 -10.54 7.95 24.74
CA TRP B 79 -11.43 9.10 24.81
C TRP B 79 -12.78 8.61 24.29
N LEU B 80 -13.77 8.61 25.19
CA LEU B 80 -15.11 8.14 24.86
C LEU B 80 -16.02 9.34 24.63
N PRO B 81 -16.62 9.43 23.43
CA PRO B 81 -17.66 10.44 23.22
C PRO B 81 -18.85 10.16 24.13
N PRO B 82 -19.81 11.10 24.24
CA PRO B 82 -20.83 10.95 25.29
C PRO B 82 -21.56 9.62 25.27
N PHE B 83 -21.67 9.00 26.44
CA PHE B 83 -22.38 7.74 26.56
C PHE B 83 -23.49 7.82 27.60
N TYR B 84 -23.87 9.05 27.95
CA TYR B 84 -24.91 9.28 28.94
C TYR B 84 -26.27 9.01 28.35
N ASP B 85 -27.25 8.84 29.25
CA ASP B 85 -28.64 8.67 28.85
C ASP B 85 -29.05 9.86 27.99
N SER B 86 -29.73 9.59 26.88
CA SER B 86 -29.94 10.58 25.83
C SER B 86 -30.97 10.04 24.84
N PRO B 87 -31.82 10.92 24.28
CA PRO B 87 -32.72 10.42 23.25
C PRO B 87 -32.01 10.35 21.90
N LEU B 88 -30.74 10.73 21.88
CA LEU B 88 -29.90 10.58 20.68
C LEU B 88 -30.44 11.33 19.45
N ARG B 89 -30.93 12.54 19.64
CA ARG B 89 -31.37 13.36 18.51
C ARG B 89 -30.21 14.14 17.91
N ASP B 90 -29.15 14.32 18.71
CA ASP B 90 -27.93 14.96 18.22
C ASP B 90 -26.71 14.14 18.63
N GLY B 91 -26.74 12.86 18.29
CA GLY B 91 -25.58 12.02 18.45
C GLY B 91 -25.21 11.73 19.88
N GLY B 92 -26.09 12.08 20.81
CA GLY B 92 -25.79 11.90 22.21
C GLY B 92 -25.15 13.11 22.87
N TYR B 93 -24.95 14.18 22.09
CA TYR B 93 -24.50 15.43 22.67
C TYR B 93 -25.71 16.13 23.30
N ASP B 94 -26.89 15.51 23.15
CA ASP B 94 -28.12 15.97 23.81
C ASP B 94 -28.44 15.09 25.03
N ILE B 95 -27.98 15.52 26.20
CA ILE B 95 -27.92 14.63 27.37
C ILE B 95 -29.17 14.76 28.26
N ARG B 96 -29.78 13.62 28.55
CA ARG B 96 -31.03 13.57 29.33
C ARG B 96 -30.75 13.32 30.81
N ASP B 97 -29.63 12.69 31.12
CA ASP B 97 -29.26 12.44 32.51
C ASP B 97 -27.76 12.29 32.62
N PHE B 98 -27.10 13.22 33.31
CA PHE B 98 -25.65 13.21 33.44
C PHE B 98 -25.14 12.06 34.31
N TYR B 99 -26.03 11.48 35.11
CA TYR B 99 -25.63 10.48 36.11
C TYR B 99 -25.94 9.06 35.68
N LYS B 100 -26.38 8.90 34.44
CA LYS B 100 -26.83 7.60 34.00
C LYS B 100 -26.23 7.27 32.65
N VAL B 101 -25.67 6.07 32.49
CA VAL B 101 -25.26 5.68 31.15
C VAL B 101 -26.46 5.22 30.33
N LEU B 102 -26.40 5.46 29.02
CA LEU B 102 -27.45 4.99 28.12
C LEU B 102 -27.63 3.48 28.33
N PRO B 103 -28.85 3.05 28.64
CA PRO B 103 -29.08 1.65 29.07
C PRO B 103 -28.54 0.62 28.09
N GLU B 104 -28.62 0.88 26.78
CA GLU B 104 -28.10 -0.08 25.81
C GLU B 104 -26.58 -0.29 25.95
N PHE B 105 -25.89 0.67 26.54
CA PHE B 105 -24.44 0.56 26.76
C PHE B 105 -24.08 -0.19 28.04
N GLY B 106 -25.03 -0.25 28.97
CA GLY B 106 -24.78 -0.85 30.26
C GLY B 106 -25.16 0.13 31.36
N THR B 107 -24.57 -0.02 32.53
CA THR B 107 -24.87 0.81 33.70
C THR B 107 -23.60 1.47 34.23
N VAL B 108 -23.75 2.33 35.22
CA VAL B 108 -22.60 2.92 35.90
C VAL B 108 -21.63 1.84 36.40
N ASP B 109 -22.17 0.73 36.89
CA ASP B 109 -21.35 -0.38 37.37
C ASP B 109 -20.45 -0.93 36.28
N ASP B 110 -20.98 -1.03 35.07
CA ASP B 110 -20.19 -1.53 33.96
C ASP B 110 -19.08 -0.55 33.63
N PHE B 111 -19.37 0.74 33.79
CA PHE B 111 -18.34 1.73 33.54
C PHE B 111 -17.20 1.61 34.54
N VAL B 112 -17.55 1.42 35.81
CA VAL B 112 -16.53 1.22 36.84
C VAL B 112 -15.67 -0.01 36.52
N THR B 113 -16.31 -1.08 36.06
CA THR B 113 -15.58 -2.31 35.70
C THR B 113 -14.62 -2.05 34.54
N LEU B 114 -15.09 -1.27 33.56
CA LEU B 114 -14.24 -0.89 32.44
C LEU B 114 -13.04 -0.07 32.91
N LEU B 115 -13.29 0.89 33.80
CA LEU B 115 -12.23 1.75 34.33
C LEU B 115 -11.16 0.94 35.05
N ASP B 116 -11.62 0.04 35.91
CA ASP B 116 -10.71 -0.82 36.66
C ASP B 116 -9.87 -1.66 35.73
N ALA B 117 -10.50 -2.27 34.73
CA ALA B 117 -9.78 -3.13 33.80
C ALA B 117 -8.79 -2.31 32.97
N ALA B 118 -9.19 -1.11 32.58
CA ALA B 118 -8.29 -0.23 31.83
C ALA B 118 -7.10 0.14 32.72
N HIS B 119 -7.40 0.55 33.94
CA HIS B 119 -6.34 0.93 34.88
C HIS B 119 -5.34 -0.18 35.16
N ARG B 120 -5.81 -1.43 35.24
CA ARG B 120 -4.92 -2.59 35.38
C ARG B 120 -3.86 -2.66 34.30
N ARG B 121 -4.19 -2.21 33.09
CA ARG B 121 -3.25 -2.25 31.98
CA ARG B 121 -3.23 -2.26 31.99
C ARG B 121 -2.52 -0.93 31.81
N GLY B 122 -2.68 -0.03 32.77
CA GLY B 122 -2.04 1.27 32.71
C GLY B 122 -2.71 2.20 31.71
N ILE B 123 -3.93 1.88 31.33
CA ILE B 123 -4.67 2.71 30.36
C ILE B 123 -5.66 3.61 31.08
N ARG B 124 -5.66 4.90 30.72
CA ARG B 124 -6.60 5.87 31.29
C ARG B 124 -7.83 6.04 30.41
N ILE B 125 -8.87 6.67 30.95
CA ILE B 125 -10.08 6.96 30.18
C ILE B 125 -10.56 8.38 30.45
N ILE B 126 -10.81 9.15 29.39
CA ILE B 126 -11.54 10.41 29.54
C ILE B 126 -12.83 10.34 28.73
N THR B 127 -13.77 11.22 29.02
CA THR B 127 -15.00 11.27 28.22
C THR B 127 -15.40 12.70 27.89
N ASP B 128 -16.21 12.86 26.85
CA ASP B 128 -16.81 14.15 26.53
C ASP B 128 -17.85 14.46 27.59
N LEU B 129 -17.91 15.72 28.02
CA LEU B 129 -18.99 16.19 28.87
C LEU B 129 -19.49 17.52 28.33
N VAL B 130 -20.76 17.57 27.93
CA VAL B 130 -21.32 18.79 27.36
C VAL B 130 -21.78 19.69 28.50
N MET B 131 -21.14 20.85 28.62
CA MET B 131 -21.37 21.76 29.74
C MET B 131 -22.43 22.82 29.44
N ASN B 132 -22.63 23.14 28.16
CA ASN B 132 -23.44 24.29 27.79
C ASN B 132 -24.94 24.06 27.85
N HIS B 133 -25.38 22.82 27.68
CA HIS B 133 -26.78 22.56 27.46
C HIS B 133 -27.15 21.12 27.77
N THR B 134 -28.45 20.87 27.96
CA THR B 134 -28.95 19.51 28.14
C THR B 134 -29.98 19.26 27.08
N SER B 135 -30.41 18.00 26.97
CA SER B 135 -31.60 17.70 26.17
C SER B 135 -32.80 18.37 26.81
N ASP B 136 -33.81 18.67 26.00
CA ASP B 136 -35.06 19.18 26.57
C ASP B 136 -35.82 18.09 27.31
N GLN B 137 -35.33 16.85 27.20
CA GLN B 137 -35.93 15.75 27.94
C GLN B 137 -35.37 15.60 29.35
N HIS B 138 -34.33 16.37 29.65
CA HIS B 138 -33.75 16.36 31.00
C HIS B 138 -34.79 16.81 32.00
N GLU B 139 -34.84 16.20 33.17
CA GLU B 139 -35.88 16.56 34.14
C GLU B 139 -35.76 17.99 34.66
N TRP B 140 -34.55 18.53 34.69
CA TRP B 140 -34.36 19.93 35.04
C TRP B 140 -35.16 20.82 34.12
N PHE B 141 -35.17 20.51 32.83
CA PHE B 141 -35.88 21.34 31.88
C PHE B 141 -37.38 21.11 31.94
N GLN B 142 -37.79 19.86 32.16
CA GLN B 142 -39.21 19.61 32.32
C GLN B 142 -39.74 20.33 33.56
N GLU B 143 -38.95 20.33 34.63
CA GLU B 143 -39.33 21.08 35.83
C GLU B 143 -39.28 22.59 35.62
N SER B 144 -38.26 23.05 34.90
CA SER B 144 -38.12 24.47 34.59
C SER B 144 -39.31 25.03 33.82
N ARG B 145 -39.85 24.25 32.89
CA ARG B 145 -40.94 24.75 32.05
C ARG B 145 -42.32 24.54 32.66
N HIS B 146 -42.45 23.52 33.50
CA HIS B 146 -43.73 23.25 34.15
C HIS B 146 -43.87 24.04 35.45
N ASN B 147 -42.73 24.27 36.11
CA ASN B 147 -42.72 24.88 37.44
C ASN B 147 -41.73 26.05 37.52
N PRO B 148 -42.07 27.19 36.90
CA PRO B 148 -41.19 28.36 36.72
C PRO B 148 -40.69 28.99 38.02
N ASP B 149 -41.49 28.91 39.08
CA ASP B 149 -41.07 29.49 40.35
C ASP B 149 -40.49 28.45 41.29
N GLY B 150 -40.36 27.22 40.79
CA GLY B 150 -39.67 26.17 41.51
C GLY B 150 -38.16 26.35 41.42
N PRO B 151 -37.41 25.43 42.05
CA PRO B 151 -35.95 25.55 42.13
C PRO B 151 -35.24 25.36 40.79
N TYR B 152 -35.95 24.92 39.75
CA TYR B 152 -35.35 24.79 38.42
C TYR B 152 -35.83 25.87 37.47
N GLY B 153 -36.66 26.77 37.98
CA GLY B 153 -37.22 27.86 37.20
C GLY B 153 -36.19 28.67 36.45
N ASP B 154 -35.02 28.87 37.06
CA ASP B 154 -33.97 29.66 36.44
C ASP B 154 -32.77 28.78 36.09
N PHE B 155 -32.98 27.48 35.91
CA PHE B 155 -31.89 26.61 35.47
C PHE B 155 -31.59 26.84 33.98
N TYR B 156 -32.57 27.40 33.28
CA TYR B 156 -32.40 27.69 31.85
C TYR B 156 -32.61 29.18 31.61
N VAL B 157 -32.42 29.62 30.37
CA VAL B 157 -32.44 31.04 30.03
C VAL B 157 -33.76 31.40 29.36
N TRP B 158 -34.65 32.02 30.13
CA TRP B 158 -36.02 32.28 29.66
C TRP B 158 -36.26 33.77 29.39
N SER B 159 -37.16 34.06 28.46
CA SER B 159 -37.48 35.45 28.12
C SER B 159 -38.88 35.57 27.53
N ASP B 160 -39.51 36.73 27.72
CA ASP B 160 -40.81 36.99 27.12
C ASP B 160 -40.68 37.34 25.63
N THR B 161 -39.47 37.68 25.22
CA THR B 161 -39.22 37.98 23.80
C THR B 161 -38.07 37.15 23.25
N SER B 162 -37.85 37.29 21.94
CA SER B 162 -36.72 36.64 21.29
C SER B 162 -35.69 37.68 20.82
N ASP B 163 -35.62 38.80 21.54
CA ASP B 163 -34.80 39.93 21.10
C ASP B 163 -33.44 40.04 21.77
N ARG B 164 -33.26 39.37 22.89
CA ARG B 164 -31.98 39.42 23.60
C ARG B 164 -30.84 38.76 22.81
N TYR B 165 -29.62 39.23 23.07
CA TYR B 165 -28.39 38.69 22.47
C TYR B 165 -28.42 38.63 20.95
N PRO B 166 -28.76 39.75 20.28
CA PRO B 166 -28.88 39.70 18.82
C PRO B 166 -27.56 39.51 18.09
N ASP B 167 -26.43 39.80 18.75
CA ASP B 167 -25.14 39.72 18.08
C ASP B 167 -24.56 38.30 18.05
N ALA B 168 -25.24 37.36 18.70
CA ALA B 168 -24.79 35.97 18.66
C ALA B 168 -25.27 35.31 17.38
N ARG B 169 -24.36 34.72 16.61
CA ARG B 169 -24.75 34.04 15.37
C ARG B 169 -25.56 32.80 15.68
N ILE B 170 -26.30 32.31 14.68
CA ILE B 170 -26.96 31.02 14.80
C ILE B 170 -25.97 29.98 14.28
N ILE B 171 -25.46 29.13 15.15
CA ILE B 171 -24.50 28.12 14.72
C ILE B 171 -25.05 27.25 13.60
N PHE B 172 -26.21 26.63 13.82
CA PHE B 172 -26.79 25.79 12.78
C PHE B 172 -27.77 26.59 11.91
N VAL B 173 -27.24 27.56 11.19
CA VAL B 173 -28.06 28.57 10.51
C VAL B 173 -29.00 27.99 9.45
N ASP B 174 -28.67 26.82 8.92
CA ASP B 174 -29.51 26.20 7.88
C ASP B 174 -30.65 25.37 8.47
N THR B 175 -30.63 25.20 9.78
CA THR B 175 -31.60 24.35 10.49
C THR B 175 -32.46 25.11 11.50
N GLU B 176 -31.82 26.01 12.25
CA GLU B 176 -32.51 26.77 13.30
C GLU B 176 -32.82 28.19 12.85
N GLU B 177 -34.09 28.59 12.99
CA GLU B 177 -34.49 29.92 12.54
C GLU B 177 -34.06 31.00 13.55
N SER B 178 -33.76 30.57 14.77
CA SER B 178 -33.43 31.50 15.84
C SER B 178 -32.73 30.78 16.99
N ASN B 179 -31.98 31.53 17.81
CA ASN B 179 -31.41 31.00 19.04
C ASN B 179 -32.42 31.01 20.18
N TRP B 180 -33.60 31.58 19.94
CA TRP B 180 -34.71 31.52 20.89
C TRP B 180 -35.82 30.63 20.36
N THR B 181 -36.34 29.76 21.22
CA THR B 181 -37.49 28.94 20.85
C THR B 181 -38.62 29.13 21.85
N PHE B 182 -39.84 29.31 21.34
CA PHE B 182 -41.01 29.48 22.19
C PHE B 182 -41.48 28.14 22.75
N ASP B 183 -41.53 28.02 24.07
CA ASP B 183 -42.00 26.80 24.71
C ASP B 183 -43.50 26.82 24.94
N PRO B 184 -44.22 25.85 24.36
CA PRO B 184 -45.69 25.76 24.42
C PRO B 184 -46.25 25.63 25.84
N VAL B 185 -45.50 25.04 26.76
CA VAL B 185 -45.96 24.86 28.13
C VAL B 185 -45.74 26.11 28.99
N ARG B 186 -44.51 26.62 29.00
CA ARG B 186 -44.19 27.79 29.80
C ARG B 186 -44.60 29.11 29.15
N ARG B 187 -44.85 29.08 27.84
CA ARG B 187 -45.20 30.30 27.08
C ARG B 187 -44.18 31.41 27.21
N GLN B 188 -42.90 31.04 27.24
CA GLN B 188 -41.82 31.99 27.10
C GLN B 188 -40.80 31.38 26.14
N PHE B 189 -39.89 32.20 25.63
CA PHE B 189 -38.80 31.71 24.79
C PHE B 189 -37.64 31.23 25.65
N TYR B 190 -36.97 30.16 25.22
CA TYR B 190 -35.72 29.75 25.87
C TYR B 190 -34.58 29.78 24.86
N TRP B 191 -33.38 29.98 25.37
CA TRP B 191 -32.17 30.15 24.56
C TRP B 191 -31.48 28.82 24.32
N HIS B 192 -30.93 28.65 23.12
CA HIS B 192 -30.11 27.47 22.78
C HIS B 192 -29.14 27.85 21.66
N ARG B 193 -27.85 27.65 21.90
CA ARG B 193 -26.86 27.87 20.85
C ARG B 193 -26.87 26.73 19.85
N PHE B 194 -27.33 25.57 20.29
CA PHE B 194 -27.35 24.40 19.41
C PHE B 194 -28.79 24.16 18.95
N PHE B 195 -29.23 22.91 18.80
CA PHE B 195 -30.58 22.70 18.28
C PHE B 195 -31.66 23.06 19.30
N SER B 196 -32.88 23.25 18.85
CA SER B 196 -33.96 23.68 19.76
C SER B 196 -34.23 22.67 20.87
N HIS B 197 -33.94 21.39 20.62
CA HIS B 197 -34.12 20.37 21.68
C HIS B 197 -32.94 20.33 22.65
N GLN B 198 -32.06 21.32 22.61
CA GLN B 198 -30.91 21.40 23.51
C GLN B 198 -30.82 22.74 24.24
N PRO B 199 -31.76 23.01 25.17
CA PRO B 199 -31.77 24.29 25.88
C PRO B 199 -30.48 24.59 26.65
N ASP B 200 -30.01 25.84 26.59
CA ASP B 200 -28.79 26.24 27.30
C ASP B 200 -29.02 26.34 28.80
N LEU B 201 -28.05 25.89 29.58
CA LEU B 201 -28.10 26.04 31.04
C LEU B 201 -27.77 27.48 31.44
N ASN B 202 -28.37 27.94 32.53
CA ASN B 202 -28.16 29.33 32.97
C ASN B 202 -27.03 29.42 33.99
N TYR B 203 -25.82 29.72 33.52
CA TYR B 203 -24.66 29.72 34.40
C TYR B 203 -24.59 30.93 35.33
N ASP B 204 -25.50 31.89 35.14
CA ASP B 204 -25.62 33.02 36.07
C ASP B 204 -26.34 32.63 37.36
N ASN B 205 -27.03 31.49 37.30
CA ASN B 205 -27.62 30.88 38.49
C ASN B 205 -26.56 30.04 39.19
N PRO B 206 -26.12 30.46 40.39
CA PRO B 206 -25.04 29.74 41.09
C PRO B 206 -25.41 28.29 41.39
N ALA B 207 -26.69 27.98 41.48
CA ALA B 207 -27.13 26.60 41.65
C ALA B 207 -26.80 25.74 40.43
N VAL B 208 -26.80 26.36 39.25
CA VAL B 208 -26.42 25.63 38.03
C VAL B 208 -24.93 25.33 38.05
N GLN B 209 -24.14 26.32 38.46
CA GLN B 209 -22.69 26.14 38.58
C GLN B 209 -22.35 25.01 39.54
N GLU B 210 -23.05 24.96 40.67
CA GLU B 210 -22.81 23.90 41.65
C GLU B 210 -23.27 22.55 41.12
N ALA B 211 -24.41 22.55 40.44
CA ALA B 211 -24.95 21.31 39.85
C ALA B 211 -23.95 20.70 38.86
N MET B 212 -23.36 21.55 38.03
CA MET B 212 -22.41 21.06 37.04
C MET B 212 -21.08 20.61 37.66
N LEU B 213 -20.59 21.33 38.68
CA LEU B 213 -19.41 20.86 39.41
C LEU B 213 -19.70 19.50 40.06
N ASP B 214 -20.92 19.31 40.54
CA ASP B 214 -21.33 18.03 41.11
C ASP B 214 -21.32 16.90 40.09
N VAL B 215 -21.65 17.21 38.84
CA VAL B 215 -21.56 16.22 37.77
C VAL B 215 -20.10 15.79 37.58
N LEU B 216 -19.19 16.75 37.50
CA LEU B 216 -17.77 16.43 37.35
C LEU B 216 -17.29 15.54 38.51
N ARG B 217 -17.67 15.91 39.73
CA ARG B 217 -17.26 15.14 40.91
C ARG B 217 -17.81 13.72 40.91
N PHE B 218 -19.02 13.54 40.40
CA PHE B 218 -19.62 12.21 40.34
C PHE B 218 -18.73 11.26 39.54
N TRP B 219 -18.36 11.67 38.33
CA TRP B 219 -17.56 10.80 37.47
C TRP B 219 -16.13 10.70 37.97
N LEU B 220 -15.60 11.78 38.51
CA LEU B 220 -14.26 11.75 39.09
C LEU B 220 -14.18 10.81 40.31
N ASP B 221 -15.23 10.81 41.14
CA ASP B 221 -15.28 9.88 42.28
C ASP B 221 -15.26 8.43 41.82
N LEU B 222 -15.94 8.16 40.71
CA LEU B 222 -15.96 6.82 40.13
C LEU B 222 -14.56 6.42 39.69
N GLY B 223 -13.75 7.41 39.31
CA GLY B 223 -12.38 7.16 38.95
C GLY B 223 -11.99 7.58 37.53
N ILE B 224 -12.87 8.31 36.84
CA ILE B 224 -12.51 8.75 35.48
C ILE B 224 -11.29 9.67 35.52
N ASP B 225 -10.48 9.60 34.47
CA ASP B 225 -9.21 10.31 34.48
C ASP B 225 -9.31 11.74 33.98
N GLY B 226 -10.46 12.09 33.42
CA GLY B 226 -10.67 13.46 32.99
C GLY B 226 -11.81 13.61 32.01
N PHE B 227 -11.96 14.82 31.49
CA PHE B 227 -13.06 15.15 30.59
C PHE B 227 -12.59 16.03 29.46
N ARG B 228 -13.17 15.84 28.29
CA ARG B 228 -13.18 16.92 27.33
C ARG B 228 -14.46 17.72 27.57
N LEU B 229 -14.30 18.98 27.95
CA LEU B 229 -15.46 19.84 28.23
C LEU B 229 -15.96 20.43 26.92
N ASP B 230 -17.19 20.09 26.53
CA ASP B 230 -17.70 20.52 25.22
C ASP B 230 -18.57 21.76 25.28
N ALA B 231 -18.47 22.60 24.23
CA ALA B 231 -19.29 23.79 24.06
C ALA B 231 -19.03 24.87 25.11
N VAL B 232 -17.88 24.82 25.77
CA VAL B 232 -17.57 25.81 26.81
C VAL B 232 -17.49 27.28 26.37
N PRO B 233 -17.12 27.57 25.10
CA PRO B 233 -17.12 29.02 24.77
C PRO B 233 -18.48 29.69 24.90
N TYR B 234 -19.54 28.90 24.93
CA TYR B 234 -20.90 29.43 24.85
C TYR B 234 -21.62 29.49 26.20
N LEU B 235 -20.90 29.24 27.29
CA LEU B 235 -21.53 29.13 28.61
C LEU B 235 -22.36 30.37 28.97
N PHE B 236 -21.70 31.51 29.05
CA PHE B 236 -22.38 32.76 29.44
C PHE B 236 -22.76 33.61 28.23
N GLU B 237 -23.88 34.33 28.34
CA GLU B 237 -24.28 35.31 27.35
C GLU B 237 -24.30 36.71 27.99
N ARG B 238 -23.93 37.74 27.23
CA ARG B 238 -24.02 39.13 27.69
C ARG B 238 -24.41 40.03 26.53
N GLU B 239 -25.32 40.98 26.77
CA GLU B 239 -25.67 41.96 25.74
C GLU B 239 -24.44 42.73 25.27
N GLY B 240 -24.41 43.09 24.00
CA GLY B 240 -23.28 43.83 23.45
C GLY B 240 -22.06 42.97 23.16
N THR B 241 -22.23 41.65 23.25
CA THR B 241 -21.15 40.72 22.89
C THR B 241 -21.72 39.69 21.93
N ASN B 242 -20.84 38.93 21.29
CA ASN B 242 -21.30 37.80 20.47
C ASN B 242 -21.54 36.55 21.31
N CYS B 243 -21.48 36.71 22.63
CA CYS B 243 -21.80 35.64 23.58
C CYS B 243 -20.89 34.41 23.46
N GLU B 244 -19.63 34.65 23.12
CA GLU B 244 -18.63 33.59 23.18
C GLU B 244 -17.41 34.11 23.91
N ASN B 245 -16.71 33.22 24.61
CA ASN B 245 -15.42 33.54 25.22
C ASN B 245 -15.48 34.62 26.30
N LEU B 246 -16.64 34.77 26.94
CA LEU B 246 -16.78 35.82 27.96
C LEU B 246 -15.96 35.55 29.21
N PRO B 247 -15.55 36.62 29.92
CA PRO B 247 -14.81 36.51 31.17
C PRO B 247 -15.47 35.56 32.18
N GLU B 248 -16.79 35.63 32.33
CA GLU B 248 -17.49 34.78 33.28
C GLU B 248 -17.38 33.30 32.93
N THR B 249 -17.30 33.02 31.64
CA THR B 249 -17.09 31.64 31.16
C THR B 249 -15.73 31.11 31.61
N HIS B 250 -14.67 31.90 31.38
CA HIS B 250 -13.34 31.51 31.82
C HIS B 250 -13.26 31.39 33.33
N ALA B 251 -13.96 32.28 34.03
CA ALA B 251 -13.98 32.22 35.49
C ALA B 251 -14.60 30.91 35.97
N PHE B 252 -15.64 30.43 35.28
CA PHE B 252 -16.20 29.14 35.65
C PHE B 252 -15.22 28.00 35.40
N LEU B 253 -14.48 28.09 34.30
CA LEU B 253 -13.50 27.06 33.96
C LEU B 253 -12.41 26.99 35.02
N LYS B 254 -12.05 28.13 35.60
CA LYS B 254 -11.09 28.16 36.70
C LYS B 254 -11.60 27.39 37.91
N ARG B 255 -12.91 27.46 38.16
CA ARG B 255 -13.53 26.67 39.22
C ARG B 255 -13.39 25.18 38.98
N CYS B 256 -13.57 24.76 37.73
CA CYS B 256 -13.45 23.35 37.39
C CYS B 256 -12.01 22.88 37.60
N ARG B 257 -11.06 23.70 37.19
CA ARG B 257 -9.65 23.37 37.31
C ARG B 257 -9.25 23.34 38.78
N LYS B 258 -9.80 24.27 39.54
CA LYS B 258 -9.52 24.33 40.99
C LYS B 258 -10.04 23.09 41.70
N ALA B 259 -11.28 22.71 41.40
CA ALA B 259 -11.86 21.51 41.96
C ALA B 259 -11.05 20.28 41.58
N ILE B 260 -10.66 20.22 40.32
CA ILE B 260 -9.88 19.10 39.80
C ILE B 260 -8.53 18.95 40.51
N ASP B 261 -7.82 20.05 40.67
CA ASP B 261 -6.46 19.98 41.19
C ASP B 261 -6.42 19.81 42.71
N ASP B 262 -7.38 20.40 43.40
CA ASP B 262 -7.46 20.29 44.86
C ASP B 262 -8.01 18.94 45.33
N GLU B 263 -8.99 18.40 44.62
CA GLU B 263 -9.69 17.20 45.07
C GLU B 263 -9.26 15.93 44.33
N TYR B 264 -8.78 16.08 43.10
CA TYR B 264 -8.40 14.91 42.29
C TYR B 264 -7.12 15.17 41.50
N PRO B 265 -5.99 15.30 42.20
CA PRO B 265 -4.73 15.58 41.47
C PRO B 265 -4.38 14.49 40.46
N GLY B 266 -3.86 14.91 39.31
CA GLY B 266 -3.45 13.97 38.29
C GLY B 266 -4.52 13.66 37.25
N ARG B 267 -5.61 14.42 37.25
CA ARG B 267 -6.65 14.27 36.23
C ARG B 267 -6.53 15.41 35.21
N VAL B 268 -7.30 15.34 34.13
CA VAL B 268 -7.12 16.31 33.06
C VAL B 268 -8.45 16.91 32.58
N LEU B 269 -8.42 18.19 32.22
CA LEU B 269 -9.53 18.84 31.53
C LEU B 269 -9.05 19.25 30.14
N LEU B 270 -9.79 18.84 29.10
CA LEU B 270 -9.46 19.22 27.73
C LEU B 270 -10.57 20.16 27.27
N ALA B 271 -10.20 21.26 26.62
CA ALA B 271 -11.21 22.16 26.08
C ALA B 271 -11.44 21.87 24.62
N GLU B 272 -12.71 21.83 24.24
CA GLU B 272 -13.11 21.79 22.83
C GLU B 272 -13.51 23.20 22.45
N ALA B 273 -12.56 23.96 21.93
CA ALA B 273 -12.83 25.30 21.45
C ALA B 273 -12.37 25.36 20.01
N ASN B 274 -13.33 25.31 19.08
CA ASN B 274 -13.01 25.25 17.66
C ASN B 274 -12.68 26.65 17.16
N GLN B 275 -11.52 27.16 17.56
CA GLN B 275 -11.14 28.53 17.29
C GLN B 275 -9.72 28.61 16.77
N TRP B 276 -9.36 29.77 16.22
CA TRP B 276 -7.99 29.99 15.78
C TRP B 276 -7.06 29.86 17.00
N PRO B 277 -5.87 29.27 16.80
CA PRO B 277 -4.98 28.94 17.93
C PRO B 277 -4.66 30.12 18.84
N ALA B 278 -4.44 31.31 18.28
CA ALA B 278 -4.18 32.50 19.11
C ALA B 278 -5.34 32.79 20.05
N ASP B 279 -6.56 32.42 19.64
CA ASP B 279 -7.73 32.62 20.47
C ASP B 279 -7.97 31.51 21.50
N VAL B 280 -7.60 30.28 21.19
CA VAL B 280 -7.87 29.22 22.19
C VAL B 280 -6.88 29.24 23.35
N VAL B 281 -5.74 29.92 23.17
CA VAL B 281 -4.72 30.05 24.22
C VAL B 281 -5.30 30.51 25.56
N ALA B 282 -6.31 31.38 25.50
CA ALA B 282 -6.97 31.85 26.70
C ALA B 282 -7.55 30.70 27.52
N TYR B 283 -7.92 29.61 26.85
CA TYR B 283 -8.55 28.49 27.56
C TYR B 283 -7.59 27.67 28.43
N PHE B 284 -6.29 27.95 28.34
CA PHE B 284 -5.32 27.36 29.25
C PHE B 284 -5.25 28.18 30.54
N GLY B 285 -5.70 29.42 30.46
CA GLY B 285 -5.78 30.27 31.64
C GLY B 285 -4.57 31.19 31.84
N ASP B 286 -4.44 31.70 33.06
CA ASP B 286 -3.39 32.64 33.41
C ASP B 286 -1.99 32.00 33.34
N PRO B 287 -1.13 32.51 32.45
CA PRO B 287 0.23 31.98 32.28
C PRO B 287 1.07 32.19 33.53
N ASP B 288 0.72 33.22 34.31
CA ASP B 288 1.47 33.55 35.53
C ASP B 288 1.35 32.47 36.61
N THR B 289 0.22 31.79 36.66
CA THR B 289 0.04 30.70 37.62
C THR B 289 0.45 29.36 37.01
N GLY B 290 0.95 29.40 35.77
CA GLY B 290 1.35 28.19 35.09
C GLY B 290 0.19 27.54 34.38
N GLY B 291 -0.91 28.28 34.25
CA GLY B 291 -2.13 27.79 33.64
C GLY B 291 -3.13 27.36 34.70
N ASP B 292 -4.28 28.02 34.75
CA ASP B 292 -5.28 27.70 35.78
C ASP B 292 -6.66 27.38 35.20
N GLU B 293 -6.72 27.04 33.91
CA GLU B 293 -7.97 26.59 33.33
C GLU B 293 -7.82 25.18 32.79
N CYS B 294 -7.99 24.98 31.49
CA CYS B 294 -7.90 23.61 30.95
C CYS B 294 -6.44 23.19 30.78
N HIS B 295 -6.14 21.92 31.07
CA HIS B 295 -4.78 21.41 30.88
C HIS B 295 -4.44 21.32 29.39
N MET B 296 -5.47 21.09 28.59
CA MET B 296 -5.28 20.84 27.16
C MET B 296 -6.33 21.54 26.33
N ALA B 297 -6.01 21.83 25.08
CA ALA B 297 -6.98 22.34 24.12
C ALA B 297 -6.57 21.86 22.75
N PHE B 298 -7.53 21.74 21.83
CA PHE B 298 -7.20 21.24 20.50
C PHE B 298 -6.71 22.30 19.53
N HIS B 299 -5.70 21.91 18.75
CA HIS B 299 -5.16 22.74 17.67
C HIS B 299 -5.87 22.33 16.38
N PHE B 300 -7.03 22.90 16.13
CA PHE B 300 -7.86 22.50 15.01
C PHE B 300 -7.32 22.75 13.58
N PRO B 301 -6.56 23.84 13.36
CA PRO B 301 -6.16 24.10 11.96
C PRO B 301 -5.07 23.19 11.44
N LEU B 302 -4.46 22.36 12.28
CA LEU B 302 -3.30 21.58 11.87
C LEU B 302 -3.56 20.67 10.66
N MET B 303 -4.59 19.83 10.74
CA MET B 303 -4.92 18.94 9.63
C MET B 303 -5.27 19.68 8.31
N PRO B 304 -6.12 20.72 8.38
CA PRO B 304 -6.37 21.41 7.11
C PRO B 304 -5.09 21.98 6.49
N ARG B 305 -4.20 22.50 7.32
CA ARG B 305 -2.91 22.97 6.84
C ARG B 305 -2.01 21.85 6.31
N ILE B 306 -1.96 20.71 7.00
CA ILE B 306 -1.17 19.59 6.49
C ILE B 306 -1.77 19.17 5.16
N PHE B 307 -3.10 19.06 5.13
CA PHE B 307 -3.79 18.65 3.92
C PHE B 307 -3.40 19.55 2.76
N MET B 308 -3.43 20.86 2.98
CA MET B 308 -3.03 21.85 1.97
C MET B 308 -1.55 21.78 1.60
N ALA B 309 -0.70 21.53 2.59
CA ALA B 309 0.75 21.42 2.31
C ALA B 309 1.04 20.30 1.33
N VAL B 310 0.31 19.19 1.46
CA VAL B 310 0.50 18.08 0.54
C VAL B 310 -0.07 18.41 -0.82
N ARG B 311 -1.26 19.01 -0.85
CA ARG B 311 -1.89 19.39 -2.12
C ARG B 311 -1.00 20.35 -2.92
N ARG B 312 -0.34 21.28 -2.24
CA ARG B 312 0.54 22.25 -2.90
C ARG B 312 2.01 21.85 -2.87
N GLU B 313 2.34 20.72 -2.25
CA GLU B 313 3.73 20.25 -2.17
C GLU B 313 4.67 21.31 -1.60
N SER B 314 4.23 21.95 -0.53
CA SER B 314 5.00 23.01 0.11
C SER B 314 4.89 22.92 1.62
N ARG B 315 6.01 23.09 2.33
CA ARG B 315 5.98 23.01 3.79
C ARG B 315 5.30 24.18 4.48
N PHE B 316 5.17 25.30 3.77
CA PHE B 316 4.78 26.56 4.41
C PHE B 316 3.43 26.58 5.16
N PRO B 317 2.39 25.92 4.63
CA PRO B 317 1.15 25.95 5.41
C PRO B 317 1.33 25.33 6.80
N ILE B 318 2.22 24.34 6.91
CA ILE B 318 2.50 23.71 8.21
C ILE B 318 3.45 24.59 9.03
N SER B 319 4.57 24.99 8.42
CA SER B 319 5.53 25.88 9.06
C SER B 319 4.85 27.08 9.70
N GLU B 320 3.95 27.68 8.94
CA GLU B 320 3.30 28.93 9.33
C GLU B 320 2.31 28.80 10.51
N ILE B 321 1.42 27.81 10.53
CA ILE B 321 0.51 27.76 11.67
C ILE B 321 1.28 27.41 12.94
N LEU B 322 2.38 26.70 12.79
CA LEU B 322 3.20 26.35 13.95
C LEU B 322 3.93 27.57 14.49
N ALA B 323 4.54 28.33 13.58
CA ALA B 323 5.24 29.56 13.94
C ALA B 323 4.30 30.60 14.55
N GLN B 324 3.08 30.68 14.02
CA GLN B 324 2.12 31.68 14.50
C GLN B 324 1.33 31.24 15.73
N THR B 325 1.50 29.98 16.13
CA THR B 325 0.87 29.51 17.36
C THR B 325 1.61 30.08 18.56
N PRO B 326 0.92 30.84 19.41
CA PRO B 326 1.53 31.47 20.59
C PRO B 326 1.97 30.43 21.61
N PRO B 327 2.93 30.79 22.48
CA PRO B 327 3.38 29.91 23.56
C PRO B 327 2.23 29.67 24.55
N ILE B 328 2.21 28.51 25.20
CA ILE B 328 1.16 28.18 26.16
C ILE B 328 1.79 27.87 27.52
N PRO B 329 1.00 27.87 28.61
CA PRO B 329 1.56 27.62 29.94
C PRO B 329 2.35 26.31 30.07
N ASP B 330 3.29 26.28 31.01
CA ASP B 330 4.16 25.12 31.21
C ASP B 330 3.43 23.82 31.55
N THR B 331 2.31 23.91 32.26
CA THR B 331 1.56 22.71 32.63
C THR B 331 0.71 22.19 31.46
N ALA B 332 0.58 23.00 30.41
CA ALA B 332 -0.41 22.76 29.36
C ALA B 332 0.12 21.98 28.15
N GLN B 333 -0.79 21.49 27.32
CA GLN B 333 -0.39 20.74 26.12
C GLN B 333 -1.47 20.90 25.05
N TRP B 334 -1.07 21.09 23.79
CA TRP B 334 -2.04 21.05 22.69
C TRP B 334 -2.47 19.61 22.41
N GLY B 335 -3.73 19.44 22.02
CA GLY B 335 -4.19 18.17 21.49
C GLY B 335 -4.22 18.31 19.98
N ILE B 336 -3.84 17.26 19.26
CA ILE B 336 -3.86 17.30 17.80
C ILE B 336 -4.50 16.03 17.23
N PHE B 337 -5.09 16.16 16.06
CA PHE B 337 -5.75 15.03 15.40
C PHE B 337 -5.95 15.26 13.92
N LEU B 338 -6.12 14.17 13.17
CA LEU B 338 -6.13 14.23 11.71
C LEU B 338 -7.55 14.36 11.19
N ARG B 339 -8.25 15.40 11.65
CA ARG B 339 -9.61 15.67 11.18
C ARG B 339 -9.74 17.13 10.80
N ASN B 340 -10.61 17.40 9.83
CA ASN B 340 -10.81 18.76 9.35
C ASN B 340 -12.00 19.43 10.01
N HIS B 341 -12.78 18.67 10.78
CA HIS B 341 -13.98 19.22 11.39
C HIS B 341 -14.12 18.86 12.86
N ASP B 342 -14.68 19.80 13.60
CA ASP B 342 -15.09 19.60 14.98
C ASP B 342 -16.32 18.68 14.98
N GLU B 343 -16.34 17.67 15.85
CA GLU B 343 -17.43 16.70 15.83
C GLU B 343 -18.76 17.22 16.33
N LEU B 344 -18.72 18.25 17.17
CA LEU B 344 -19.92 18.82 17.77
C LEU B 344 -20.72 19.60 16.73
N THR B 345 -20.03 20.52 16.07
CA THR B 345 -20.70 21.44 15.14
C THR B 345 -20.48 21.12 13.66
N LEU B 346 -19.54 20.23 13.37
CA LEU B 346 -19.16 19.90 11.99
C LEU B 346 -18.65 21.11 11.21
N GLU B 347 -17.99 22.01 11.91
CA GLU B 347 -17.40 23.19 11.28
C GLU B 347 -15.89 23.08 11.23
N MET B 348 -15.29 23.56 10.14
CA MET B 348 -13.84 23.68 10.09
C MET B 348 -13.45 25.07 10.55
N VAL B 349 -12.49 25.12 11.46
CA VAL B 349 -12.06 26.40 12.02
C VAL B 349 -11.43 27.25 10.93
N THR B 350 -11.77 28.53 10.89
CA THR B 350 -10.98 29.44 10.06
C THR B 350 -11.06 30.86 10.58
N ASP B 351 -10.28 31.73 9.95
CA ASP B 351 -10.21 33.11 10.38
C ASP B 351 -9.87 33.97 9.19
N GLU B 352 -10.84 34.79 8.80
CA GLU B 352 -10.67 35.70 7.66
C GLU B 352 -9.42 36.55 7.79
N GLU B 353 -9.23 37.12 8.98
CA GLU B 353 -8.12 38.05 9.19
C GLU B 353 -6.75 37.38 9.30
N ARG B 354 -6.70 36.23 9.97
CA ARG B 354 -5.40 35.67 10.38
C ARG B 354 -4.93 34.40 9.69
N ASP B 355 -5.82 33.77 8.92
CA ASP B 355 -5.48 32.57 8.16
C ASP B 355 -5.17 32.94 6.72
N TYR B 356 -3.90 32.86 6.31
CA TYR B 356 -3.52 33.23 4.95
C TYR B 356 -4.05 32.25 3.89
N MET B 357 -4.51 31.08 4.35
CA MET B 357 -5.09 30.07 3.46
C MET B 357 -6.62 30.12 3.43
N TYR B 358 -7.19 31.16 4.04
CA TYR B 358 -8.65 31.31 4.18
C TYR B 358 -9.45 31.00 2.91
N ALA B 359 -9.06 31.59 1.78
CA ALA B 359 -9.83 31.45 0.56
C ALA B 359 -9.35 30.27 -0.28
N GLU B 360 -8.29 29.62 0.17
CA GLU B 360 -7.67 28.57 -0.62
C GLU B 360 -8.34 27.20 -0.48
N TYR B 361 -8.97 26.95 0.67
CA TYR B 361 -9.67 25.69 0.88
C TYR B 361 -10.80 25.52 -0.14
N ALA B 362 -11.49 26.61 -0.46
CA ALA B 362 -12.64 26.55 -1.37
C ALA B 362 -12.22 26.32 -2.82
N LYS B 363 -10.92 26.42 -3.08
CA LYS B 363 -10.36 26.18 -4.41
C LYS B 363 -9.98 24.72 -4.61
N ASP B 364 -9.96 23.96 -3.52
CA ASP B 364 -9.61 22.54 -3.59
C ASP B 364 -10.86 21.68 -3.63
N PRO B 365 -11.04 20.91 -4.72
CA PRO B 365 -12.28 20.17 -4.93
C PRO B 365 -12.50 19.03 -3.92
N ARG B 366 -11.43 18.46 -3.38
CA ARG B 366 -11.55 17.44 -2.33
C ARG B 366 -12.06 18.07 -1.03
N MET B 367 -11.43 19.17 -0.63
CA MET B 367 -11.84 19.94 0.52
C MET B 367 -13.29 20.39 0.36
N LYS B 368 -13.60 20.90 -0.83
CA LYS B 368 -14.92 21.43 -1.15
C LYS B 368 -16.03 20.39 -0.98
N ALA B 369 -15.82 19.20 -1.54
CA ALA B 369 -16.82 18.14 -1.51
C ALA B 369 -17.13 17.68 -0.09
N ASN B 370 -16.14 17.74 0.80
CA ASN B 370 -16.32 17.24 2.16
C ASN B 370 -16.69 18.27 3.21
N VAL B 371 -17.08 19.48 2.80
CA VAL B 371 -17.42 20.52 3.75
C VAL B 371 -18.54 20.06 4.68
N GLY B 372 -18.29 20.09 5.98
CA GLY B 372 -19.30 19.75 6.96
C GLY B 372 -19.55 18.27 7.21
N ILE B 373 -18.67 17.43 6.70
CA ILE B 373 -18.83 15.99 6.86
C ILE B 373 -17.57 15.42 7.49
N ARG B 374 -17.71 14.64 8.56
CA ARG B 374 -16.54 13.95 9.10
C ARG B 374 -16.15 12.82 8.15
N ARG B 375 -14.86 12.70 7.84
CA ARG B 375 -14.36 11.60 7.02
C ARG B 375 -13.21 10.95 7.75
N ARG B 376 -13.05 9.64 7.56
CA ARG B 376 -11.88 8.95 8.10
C ARG B 376 -10.62 9.27 7.30
N LEU B 377 -9.48 8.90 7.85
CA LEU B 377 -8.18 9.27 7.32
C LEU B 377 -7.95 8.69 5.94
N ALA B 378 -8.16 7.39 5.81
CA ALA B 378 -7.90 6.73 4.54
C ALA B 378 -8.78 7.32 3.43
N PRO B 379 -10.09 7.47 3.66
CA PRO B 379 -10.90 8.16 2.64
C PRO B 379 -10.44 9.60 2.32
N LEU B 380 -10.06 10.38 3.32
CA LEU B 380 -9.56 11.74 3.09
C LEU B 380 -8.36 11.73 2.15
N LEU B 381 -7.57 10.67 2.21
CA LEU B 381 -6.35 10.59 1.42
C LEU B 381 -6.49 9.63 0.25
N GLU B 382 -7.74 9.36 -0.14
CA GLU B 382 -8.03 8.43 -1.24
C GLU B 382 -7.32 7.08 -1.12
N ASN B 383 -7.19 6.59 0.11
CA ASN B 383 -6.57 5.28 0.38
C ASN B 383 -5.13 5.14 -0.07
N ASP B 384 -4.42 6.27 -0.19
CA ASP B 384 -3.01 6.26 -0.59
C ASP B 384 -2.17 5.91 0.63
N ARG B 385 -1.60 4.70 0.65
CA ARG B 385 -0.86 4.20 1.81
C ARG B 385 0.33 5.10 2.18
N ASN B 386 1.08 5.57 1.19
CA ASN B 386 2.21 6.46 1.48
C ASN B 386 1.78 7.75 2.18
N GLN B 387 0.64 8.31 1.77
CA GLN B 387 0.14 9.51 2.40
C GLN B 387 -0.42 9.25 3.79
N ILE B 388 -1.06 8.11 3.97
CA ILE B 388 -1.57 7.76 5.30
C ILE B 388 -0.39 7.70 6.26
N GLU B 389 0.72 7.11 5.81
CA GLU B 389 1.91 7.01 6.65
C GLU B 389 2.51 8.40 6.93
N LEU B 390 2.58 9.23 5.89
CA LEU B 390 3.10 10.59 6.05
C LEU B 390 2.30 11.41 7.04
N PHE B 391 0.97 11.42 6.89
CA PHE B 391 0.11 12.17 7.81
C PHE B 391 0.22 11.61 9.23
N THR B 392 0.30 10.29 9.33
CA THR B 392 0.41 9.65 10.65
C THR B 392 1.75 9.99 11.31
N ALA B 393 2.81 10.00 10.51
CA ALA B 393 4.14 10.39 11.01
C ALA B 393 4.10 11.80 11.58
N LEU B 394 3.50 12.73 10.84
CA LEU B 394 3.36 14.10 11.29
C LEU B 394 2.56 14.18 12.58
N LEU B 395 1.43 13.46 12.63
CA LEU B 395 0.60 13.45 13.84
C LEU B 395 1.41 13.01 15.05
N LEU B 396 2.27 12.03 14.86
CA LEU B 396 3.03 11.43 15.96
C LEU B 396 4.34 12.17 16.30
N SER B 397 4.74 13.13 15.46
CA SER B 397 6.03 13.79 15.71
C SER B 397 5.93 15.31 15.91
N LEU B 398 4.79 15.88 15.57
CA LEU B 398 4.60 17.32 15.74
C LEU B 398 4.27 17.64 17.19
N PRO B 399 4.43 18.91 17.62
CA PRO B 399 4.18 19.18 19.04
C PRO B 399 2.71 19.00 19.41
N GLY B 400 2.48 18.37 20.56
CA GLY B 400 1.14 18.13 21.03
C GLY B 400 0.96 16.68 21.45
N SER B 401 -0.19 16.38 22.02
CA SER B 401 -0.52 15.00 22.33
C SER B 401 -1.52 14.56 21.26
N PRO B 402 -1.20 13.49 20.54
CA PRO B 402 -2.05 13.12 19.40
C PRO B 402 -3.24 12.27 19.81
N VAL B 403 -4.33 12.41 19.04
CA VAL B 403 -5.50 11.56 19.20
C VAL B 403 -5.66 10.75 17.93
N LEU B 404 -5.69 9.42 18.07
CA LEU B 404 -5.97 8.51 16.97
C LEU B 404 -7.45 8.22 17.00
N TYR B 405 -8.10 8.14 15.83
CA TYR B 405 -9.53 7.82 15.81
C TYR B 405 -9.70 6.33 15.50
N TYR B 406 -10.57 5.65 16.25
CA TYR B 406 -10.68 4.18 16.15
C TYR B 406 -10.89 3.75 14.71
N GLY B 407 -10.16 2.73 14.26
CA GLY B 407 -10.30 2.25 12.90
C GLY B 407 -9.32 2.85 11.91
N ASP B 408 -8.81 4.05 12.15
CA ASP B 408 -7.83 4.64 11.25
C ASP B 408 -6.54 3.79 11.20
N GLU B 409 -6.25 3.06 12.27
CA GLU B 409 -5.06 2.24 12.34
C GLU B 409 -5.11 1.02 11.39
N ILE B 410 -6.30 0.63 10.94
CA ILE B 410 -6.43 -0.41 9.93
C ILE B 410 -6.86 0.15 8.58
N GLY B 411 -7.07 1.46 8.52
CA GLY B 411 -7.44 2.09 7.26
C GLY B 411 -8.91 1.91 6.95
N MET B 412 -9.75 1.93 7.98
CA MET B 412 -11.19 1.91 7.76
C MET B 412 -11.70 3.05 6.89
N GLY B 413 -12.78 2.79 6.17
CA GLY B 413 -13.44 3.80 5.39
C GLY B 413 -14.60 4.38 6.16
N ASP B 414 -15.48 5.09 5.46
CA ASP B 414 -16.63 5.68 6.12
C ASP B 414 -17.83 5.49 5.21
N ILE B 415 -19.02 5.88 5.69
CA ILE B 415 -20.22 5.76 4.87
C ILE B 415 -20.96 7.07 4.93
N ILE B 416 -20.68 7.96 3.98
CA ILE B 416 -21.14 9.33 4.12
C ILE B 416 -22.64 9.48 4.18
N TRP B 417 -23.36 8.56 3.56
CA TRP B 417 -24.81 8.68 3.49
C TRP B 417 -25.48 8.48 4.84
N LEU B 418 -24.75 7.95 5.83
CA LEU B 418 -25.34 7.71 7.15
C LEU B 418 -25.55 8.99 7.94
N GLY B 419 -24.89 10.06 7.50
CA GLY B 419 -25.02 11.35 8.16
C GLY B 419 -23.66 12.02 8.33
N ASP B 420 -23.66 13.32 8.66
CA ASP B 420 -22.42 14.08 8.69
C ASP B 420 -21.47 13.65 9.80
N ARG B 421 -22.03 13.13 10.88
CA ARG B 421 -21.22 12.57 11.97
C ARG B 421 -21.17 11.06 11.90
N ASP B 422 -22.31 10.43 11.64
CA ASP B 422 -22.39 8.97 11.63
C ASP B 422 -21.56 8.32 10.51
N SER B 423 -21.16 9.10 9.52
CA SER B 423 -20.27 8.62 8.45
C SER B 423 -19.08 7.86 9.03
N VAL B 424 -18.51 8.40 10.10
CA VAL B 424 -17.30 7.80 10.70
C VAL B 424 -17.57 6.97 11.95
N ARG B 425 -18.83 6.65 12.19
CA ARG B 425 -19.19 5.93 13.42
C ARG B 425 -19.67 4.50 13.20
N THR B 426 -19.27 3.89 12.09
CA THR B 426 -19.67 2.52 11.78
C THR B 426 -18.87 1.51 12.60
N PRO B 427 -19.34 0.25 12.67
CA PRO B 427 -18.68 -0.66 13.62
C PRO B 427 -17.22 -0.94 13.32
N MET B 428 -16.44 -1.11 14.38
CA MET B 428 -15.05 -1.51 14.26
C MET B 428 -15.00 -2.84 13.51
N GLN B 429 -14.11 -2.93 12.52
CA GLN B 429 -14.04 -4.11 11.68
C GLN B 429 -12.97 -5.08 12.18
N TRP B 430 -13.40 -6.04 12.98
CA TRP B 430 -12.49 -6.98 13.66
C TRP B 430 -12.03 -8.15 12.81
N THR B 431 -12.95 -8.69 12.02
CA THR B 431 -12.70 -9.90 11.26
C THR B 431 -13.47 -9.84 9.96
N PRO B 432 -13.21 -10.77 9.03
CA PRO B 432 -14.05 -10.74 7.83
C PRO B 432 -15.36 -11.52 8.02
N ASP B 433 -15.70 -11.87 9.26
CA ASP B 433 -16.91 -12.63 9.53
C ASP B 433 -18.14 -11.73 9.44
N ARG B 434 -19.31 -12.35 9.52
CA ARG B 434 -20.61 -11.70 9.65
C ARG B 434 -20.53 -10.46 10.55
N ASN B 435 -21.09 -9.33 10.09
CA ASN B 435 -21.04 -8.07 10.85
C ASN B 435 -19.62 -7.60 11.16
N ALA B 436 -18.63 -8.01 10.36
CA ALA B 436 -17.22 -7.68 10.60
C ALA B 436 -16.73 -8.14 11.96
N GLY B 437 -17.43 -9.14 12.52
CA GLY B 437 -17.08 -9.67 13.82
C GLY B 437 -17.38 -8.73 14.99
N PHE B 438 -18.16 -7.69 14.74
CA PHE B 438 -18.55 -6.71 15.76
C PHE B 438 -19.68 -7.22 16.68
N SER B 439 -20.49 -8.12 16.14
CA SER B 439 -21.71 -8.55 16.82
C SER B 439 -22.17 -9.91 16.31
N LYS B 440 -22.87 -10.63 17.17
CA LYS B 440 -23.55 -11.87 16.80
C LYS B 440 -25.01 -11.63 16.43
N ALA B 441 -25.48 -10.40 16.53
CA ALA B 441 -26.88 -10.10 16.19
C ALA B 441 -27.14 -10.28 14.70
N THR B 442 -28.41 -10.31 14.30
CA THR B 442 -28.73 -10.30 12.88
C THR B 442 -28.29 -8.94 12.31
N PRO B 443 -27.91 -8.90 11.02
CA PRO B 443 -27.40 -7.66 10.42
C PRO B 443 -28.40 -6.51 10.50
N GLY B 444 -29.69 -6.81 10.42
CA GLY B 444 -30.70 -5.77 10.44
C GLY B 444 -30.88 -5.12 11.81
N ARG B 445 -30.26 -5.72 12.82
CA ARG B 445 -30.35 -5.16 14.16
C ARG B 445 -29.14 -4.32 14.55
N LEU B 446 -28.11 -4.29 13.71
CA LEU B 446 -26.94 -3.43 14.01
C LEU B 446 -27.36 -1.96 14.12
N TYR B 447 -26.73 -1.22 15.02
CA TYR B 447 -27.03 0.21 15.21
C TYR B 447 -26.67 0.97 13.90
N LEU B 448 -25.62 0.52 13.22
CA LEU B 448 -25.21 1.02 11.91
C LEU B 448 -24.50 -0.13 11.20
N PRO B 449 -24.52 -0.14 9.86
CA PRO B 449 -23.88 -1.27 9.17
C PRO B 449 -22.39 -1.05 8.97
N PRO B 450 -21.64 -2.14 8.76
CA PRO B 450 -20.21 -2.03 8.44
C PRO B 450 -20.04 -1.61 6.99
N ASN B 451 -18.86 -1.13 6.62
CA ASN B 451 -18.52 -0.90 5.22
C ASN B 451 -18.57 -2.22 4.48
N GLN B 452 -19.10 -2.21 3.26
CA GLN B 452 -19.27 -3.43 2.46
C GLN B 452 -18.76 -3.27 1.03
N ASP B 453 -18.08 -2.17 0.74
CA ASP B 453 -17.57 -1.97 -0.62
C ASP B 453 -16.24 -2.69 -0.85
N ALA B 454 -15.76 -2.72 -2.09
CA ALA B 454 -14.58 -3.54 -2.41
C ALA B 454 -13.30 -2.97 -1.83
N VAL B 455 -13.28 -1.67 -1.60
CA VAL B 455 -12.06 -1.03 -1.11
C VAL B 455 -11.97 -1.09 0.40
N TYR B 456 -13.03 -0.63 1.08
CA TYR B 456 -13.00 -0.54 2.54
C TYR B 456 -13.84 -1.58 3.27
N GLY B 457 -14.51 -2.45 2.55
CA GLY B 457 -15.39 -3.42 3.20
C GLY B 457 -14.68 -4.39 4.12
N TYR B 458 -15.42 -4.96 5.07
CA TYR B 458 -14.81 -5.80 6.10
C TYR B 458 -14.26 -7.11 5.55
N HIS B 459 -14.69 -7.51 4.35
CA HIS B 459 -14.08 -8.70 3.75
C HIS B 459 -12.60 -8.45 3.43
N SER B 460 -12.24 -7.19 3.22
CA SER B 460 -10.88 -6.79 2.84
C SER B 460 -10.12 -6.13 3.98
N VAL B 461 -10.80 -5.26 4.72
CA VAL B 461 -10.18 -4.42 5.75
C VAL B 461 -10.72 -4.80 7.12
N ASN B 462 -9.86 -5.45 7.91
CA ASN B 462 -10.24 -5.83 9.25
C ASN B 462 -8.99 -6.14 10.08
N VAL B 463 -9.14 -6.14 11.39
CA VAL B 463 -7.99 -6.31 12.28
C VAL B 463 -7.30 -7.64 12.06
N GLU B 464 -8.08 -8.70 12.00
CA GLU B 464 -7.54 -10.05 11.89
C GLU B 464 -6.63 -10.20 10.66
N ALA B 465 -7.08 -9.69 9.52
CA ALA B 465 -6.32 -9.77 8.28
C ALA B 465 -4.98 -9.01 8.38
N GLN B 466 -4.96 -7.95 9.18
CA GLN B 466 -3.76 -7.14 9.28
C GLN B 466 -2.79 -7.59 10.38
N LEU B 467 -3.26 -8.38 11.32
CA LEU B 467 -2.40 -8.85 12.41
C LEU B 467 -1.20 -9.68 11.95
N ASP B 468 -1.38 -10.47 10.90
CA ASP B 468 -0.34 -11.39 10.44
C ASP B 468 0.87 -10.67 9.85
N SER B 469 0.66 -10.07 8.69
CA SER B 469 1.73 -9.39 7.94
C SER B 469 2.30 -8.23 8.72
N SER B 470 3.61 -8.25 8.93
CA SER B 470 4.28 -7.15 9.61
C SER B 470 4.32 -5.90 8.72
N SER B 471 3.87 -6.04 7.48
CA SER B 471 3.83 -4.89 6.56
C SER B 471 2.44 -4.25 6.44
N SER B 472 1.47 -4.75 7.21
CA SER B 472 0.12 -4.16 7.19
C SER B 472 0.16 -2.78 7.83
N LEU B 473 -0.85 -1.95 7.52
CA LEU B 473 -0.98 -0.62 8.15
C LEU B 473 -1.08 -0.75 9.65
N LEU B 474 -1.81 -1.75 10.13
CA LEU B 474 -1.96 -1.93 11.58
C LEU B 474 -0.61 -2.16 12.27
N ASN B 475 0.18 -3.07 11.72
CA ASN B 475 1.48 -3.37 12.33
C ASN B 475 2.45 -2.20 12.20
N TRP B 476 2.37 -1.50 11.08
CA TRP B 476 3.17 -0.29 10.91
C TRP B 476 2.78 0.76 11.95
N THR B 477 1.50 0.98 12.13
CA THR B 477 1.03 1.97 13.09
C THR B 477 1.44 1.60 14.51
N ARG B 478 1.24 0.34 14.87
CA ARG B 478 1.63 -0.11 16.20
C ARG B 478 3.12 0.08 16.46
N ASN B 479 3.94 -0.20 15.46
CA ASN B 479 5.38 0.03 15.61
C ASN B 479 5.75 1.49 15.74
N MET B 480 5.10 2.35 14.97
CA MET B 480 5.32 3.81 15.09
C MET B 480 4.97 4.30 16.49
N LEU B 481 3.86 3.83 17.05
CA LEU B 481 3.49 4.19 18.43
C LEU B 481 4.53 3.69 19.42
N ALA B 482 5.07 2.49 19.18
CA ALA B 482 6.09 1.95 20.07
C ALA B 482 7.33 2.83 20.01
N VAL B 483 7.79 3.15 18.80
CA VAL B 483 8.95 4.02 18.63
C VAL B 483 8.72 5.37 19.32
N ARG B 484 7.55 5.96 19.10
CA ARG B 484 7.27 7.26 19.72
C ARG B 484 7.35 7.17 21.24
N SER B 485 6.85 6.09 21.80
CA SER B 485 6.74 5.96 23.25
C SER B 485 8.11 5.90 23.91
N ARG B 486 9.14 5.55 23.14
CA ARG B 486 10.47 5.39 23.69
C ARG B 486 11.35 6.64 23.54
N HIS B 487 10.78 7.70 22.97
CA HIS B 487 11.54 8.93 22.77
C HIS B 487 10.79 10.15 23.30
N ASP B 488 11.26 10.68 24.44
CA ASP B 488 10.54 11.76 25.10
C ASP B 488 10.38 13.03 24.25
N ALA B 489 11.33 13.27 23.33
CA ALA B 489 11.30 14.50 22.55
C ALA B 489 10.00 14.66 21.75
N PHE B 490 9.39 13.53 21.36
CA PHE B 490 8.13 13.64 20.63
C PHE B 490 7.02 14.20 21.50
N ALA B 491 7.04 13.88 22.78
CA ALA B 491 5.95 14.29 23.67
C ALA B 491 6.15 15.68 24.25
N VAL B 492 7.37 15.96 24.71
CA VAL B 492 7.62 17.18 25.45
C VAL B 492 8.84 17.94 24.98
N GLY B 493 9.33 17.59 23.79
CA GLY B 493 10.50 18.25 23.25
C GLY B 493 10.21 19.64 22.72
N THR B 494 11.26 20.44 22.57
CA THR B 494 11.16 21.71 21.87
C THR B 494 10.84 21.42 20.41
N PHE B 495 10.59 22.47 19.64
CA PHE B 495 10.35 22.34 18.20
C PHE B 495 11.16 23.35 17.44
N ARG B 496 12.12 22.86 16.67
CA ARG B 496 12.99 23.72 15.89
C ARG B 496 12.89 23.37 14.41
N GLU B 497 12.18 24.19 13.66
CA GLU B 497 12.04 24.01 12.22
C GLU B 497 13.36 24.39 11.55
N LEU B 498 13.85 23.56 10.64
CA LEU B 498 15.21 23.67 10.14
C LEU B 498 15.33 24.41 8.80
N GLY B 499 14.19 24.79 8.22
CA GLY B 499 14.20 25.41 6.90
C GLY B 499 14.77 24.45 5.86
N GLY B 500 15.72 24.93 5.08
CA GLY B 500 16.34 24.11 4.06
C GLY B 500 16.10 24.61 2.65
N SER B 501 17.00 24.24 1.75
CA SER B 501 16.95 24.61 0.34
C SER B 501 15.58 24.35 -0.30
N ASN B 502 15.04 23.18 -0.02
CA ASN B 502 13.86 22.67 -0.70
C ASN B 502 12.57 22.96 0.07
N PRO B 503 11.71 23.81 -0.50
CA PRO B 503 10.44 24.15 0.15
C PRO B 503 9.45 22.99 0.17
N SER B 504 9.74 21.93 -0.54
CA SER B 504 8.83 20.78 -0.59
C SER B 504 9.03 19.83 0.59
N VAL B 505 10.08 20.08 1.38
CA VAL B 505 10.43 19.19 2.51
C VAL B 505 10.37 19.91 3.86
N LEU B 506 9.65 19.33 4.80
CA LEU B 506 9.55 19.87 6.15
C LEU B 506 10.49 19.11 7.10
N ALA B 507 11.49 19.81 7.64
CA ALA B 507 12.44 19.18 8.56
C ALA B 507 12.43 19.92 9.90
N TYR B 508 12.51 19.16 10.99
CA TYR B 508 12.59 19.77 12.30
C TYR B 508 13.31 18.87 13.28
N ILE B 509 13.84 19.48 14.33
CA ILE B 509 14.48 18.75 15.40
C ILE B 509 13.70 19.03 16.68
N ARG B 510 13.57 18.01 17.52
CA ARG B 510 12.91 18.17 18.81
C ARG B 510 13.85 17.74 19.91
N GLU B 511 13.93 18.55 20.97
CA GLU B 511 14.92 18.34 22.03
C GLU B 511 14.32 18.36 23.41
N VAL B 512 14.87 17.54 24.28
CA VAL B 512 14.51 17.46 25.69
C VAL B 512 15.50 18.27 26.53
N THR B 513 15.00 19.09 27.46
CA THR B 513 15.88 19.69 28.46
C THR B 513 16.16 18.64 29.53
N ARG B 514 17.43 18.27 29.70
CA ARG B 514 17.82 17.18 30.60
C ARG B 514 17.60 17.49 32.08
N GLN B 515 18.12 16.58 32.90
CA GLN B 515 18.16 16.69 34.36
C GLN B 515 18.69 15.38 34.91
N GLN B 516 18.35 15.11 36.17
CA GLN B 516 18.38 13.78 36.80
C GLN B 516 19.16 12.68 36.08
N GLY B 517 18.40 11.73 35.54
CA GLY B 517 18.95 10.68 34.71
C GLY B 517 19.27 11.27 33.36
N ASP B 518 20.56 11.30 33.05
CA ASP B 518 21.04 11.87 31.80
C ASP B 518 20.63 11.06 30.59
N GLY B 519 21.64 10.65 29.81
CA GLY B 519 21.47 10.21 28.44
C GLY B 519 20.52 9.09 28.12
N GLY B 520 20.94 8.26 27.18
CA GLY B 520 20.08 7.24 26.70
C GLY B 520 19.28 7.79 25.55
N ALA B 521 18.88 6.87 24.69
CA ALA B 521 18.10 7.20 23.52
C ALA B 521 16.82 7.93 23.91
N LYS B 522 16.30 7.63 25.09
CA LYS B 522 14.97 8.15 25.47
C LYS B 522 14.97 9.67 25.54
N THR B 523 16.12 10.26 25.85
CA THR B 523 16.22 11.71 25.94
C THR B 523 17.11 12.34 24.86
N ASP B 524 17.63 11.54 23.93
CA ASP B 524 18.39 12.09 22.81
C ASP B 524 17.50 12.95 21.91
N ALA B 525 18.10 13.91 21.21
CA ALA B 525 17.35 14.75 20.27
C ALA B 525 16.84 13.89 19.12
N VAL B 526 15.77 14.33 18.48
CA VAL B 526 15.23 13.60 17.33
C VAL B 526 15.16 14.52 16.12
N LEU B 527 15.45 13.97 14.94
CA LEU B 527 15.37 14.71 13.68
C LEU B 527 14.31 14.07 12.81
N CYS B 528 13.34 14.86 12.36
CA CYS B 528 12.27 14.37 11.48
C CYS B 528 12.28 15.11 10.15
N VAL B 529 12.16 14.37 9.05
CA VAL B 529 12.21 14.96 7.72
C VAL B 529 11.03 14.40 6.93
N ASN B 530 10.24 15.27 6.32
CA ASN B 530 8.97 14.89 5.70
C ASN B 530 8.84 15.46 4.30
N ASN B 531 8.62 14.59 3.32
CA ASN B 531 8.51 15.04 1.93
C ASN B 531 7.06 15.27 1.56
N LEU B 532 6.67 16.53 1.36
CA LEU B 532 5.30 16.85 0.97
C LEU B 532 5.05 16.72 -0.54
N SER B 533 6.11 16.51 -1.29
CA SER B 533 5.99 16.31 -2.74
C SER B 533 5.73 14.84 -3.08
N ARG B 534 5.01 14.59 -4.16
CA ARG B 534 4.76 13.22 -4.59
C ARG B 534 5.97 12.64 -5.32
N PHE B 535 6.98 13.47 -5.55
CA PHE B 535 8.21 13.05 -6.22
C PHE B 535 9.39 12.96 -5.25
N PRO B 536 10.42 12.17 -5.61
CA PRO B 536 11.63 12.14 -4.80
C PRO B 536 12.25 13.52 -4.70
N GLN B 537 12.72 13.89 -3.51
CA GLN B 537 13.28 15.23 -3.28
C GLN B 537 14.57 15.11 -2.49
N PRO B 538 15.57 15.94 -2.82
CA PRO B 538 16.75 16.03 -1.96
C PRO B 538 16.54 17.17 -0.98
N ILE B 539 17.11 17.07 0.21
CA ILE B 539 17.18 18.24 1.07
C ILE B 539 18.55 18.33 1.73
N GLU B 540 19.12 19.53 1.73
CA GLU B 540 20.39 19.76 2.39
C GLU B 540 20.14 20.58 3.65
N LEU B 541 20.54 20.02 4.80
CA LEU B 541 20.25 20.62 6.08
C LEU B 541 21.50 21.18 6.75
N ASN B 542 21.38 22.38 7.32
CA ASN B 542 22.45 22.94 8.13
C ASN B 542 22.32 22.47 9.58
N LEU B 543 23.09 21.45 9.92
CA LEU B 543 22.99 20.79 11.21
C LEU B 543 24.31 20.93 11.95
N GLN B 544 25.02 22.02 11.67
CA GLN B 544 26.39 22.20 12.15
C GLN B 544 26.50 22.20 13.67
N GLN B 545 25.45 22.66 14.35
CA GLN B 545 25.43 22.64 15.81
C GLN B 545 25.45 21.21 16.35
N TRP B 546 25.00 20.26 15.53
CA TRP B 546 25.04 18.85 15.89
C TRP B 546 26.18 18.11 15.22
N ALA B 547 27.22 18.86 14.84
CA ALA B 547 28.41 18.26 14.25
C ALA B 547 28.91 17.11 15.11
N GLY B 548 29.30 16.01 14.47
CA GLY B 548 29.79 14.86 15.20
C GLY B 548 28.72 13.87 15.62
N TYR B 549 27.48 14.34 15.82
CA TYR B 549 26.39 13.44 16.18
C TYR B 549 26.11 12.44 15.06
N ILE B 550 25.56 11.29 15.42
CA ILE B 550 25.27 10.23 14.46
C ILE B 550 23.75 10.01 14.36
N PRO B 551 23.16 10.34 13.20
CA PRO B 551 21.73 10.10 13.03
C PRO B 551 21.50 8.60 12.93
N VAL B 552 20.64 8.05 13.78
CA VAL B 552 20.30 6.64 13.70
C VAL B 552 18.83 6.53 13.34
N GLU B 553 18.52 5.93 12.19
CA GLU B 553 17.11 5.88 11.79
C GLU B 553 16.35 4.96 12.74
N MET B 554 15.18 5.41 13.18
CA MET B 554 14.54 4.78 14.35
C MET B 554 13.91 3.41 14.13
N THR B 555 13.43 3.11 12.93
CA THR B 555 12.75 1.83 12.71
C THR B 555 13.71 0.66 12.47
N GLY B 556 14.75 0.90 11.69
CA GLY B 556 15.73 -0.15 11.39
C GLY B 556 17.06 -0.02 12.13
N TYR B 557 17.23 1.08 12.84
CA TYR B 557 18.43 1.30 13.67
CA TYR B 557 18.40 1.42 13.64
C TYR B 557 19.72 1.42 12.88
N VAL B 558 19.64 1.75 11.60
CA VAL B 558 20.86 1.88 10.80
C VAL B 558 21.51 3.23 11.08
N GLU B 559 22.82 3.20 11.30
CA GLU B 559 23.58 4.42 11.52
C GLU B 559 23.86 5.12 10.20
N PHE B 560 23.50 6.39 10.14
CA PHE B 560 23.77 7.21 8.98
C PHE B 560 25.09 7.95 9.22
N PRO B 561 25.70 8.51 8.15
CA PRO B 561 26.98 9.21 8.33
C PRO B 561 26.89 10.32 9.34
N SER B 562 27.95 10.50 10.12
CA SER B 562 27.99 11.53 11.14
C SER B 562 27.81 12.92 10.53
N ILE B 563 27.18 13.79 11.29
CA ILE B 563 26.95 15.16 10.87
C ILE B 563 28.28 15.92 10.89
N GLY B 564 28.53 16.70 9.84
CA GLY B 564 29.74 17.51 9.74
C GLY B 564 29.42 18.98 9.59
N GLN B 565 30.39 19.75 9.11
CA GLN B 565 30.20 21.19 8.96
C GLN B 565 29.50 21.50 7.65
N LEU B 566 29.64 20.60 6.68
CA LEU B 566 28.95 20.72 5.40
C LEU B 566 27.45 20.48 5.58
N PRO B 567 26.64 20.98 4.63
CA PRO B 567 25.20 20.67 4.68
C PRO B 567 24.98 19.17 4.58
N TYR B 568 23.98 18.66 5.31
CA TYR B 568 23.72 17.22 5.34
C TYR B 568 22.66 16.85 4.31
N LEU B 569 23.01 15.99 3.36
CA LEU B 569 22.08 15.62 2.29
C LEU B 569 21.23 14.40 2.65
N LEU B 570 19.92 14.59 2.64
CA LEU B 570 18.99 13.48 2.76
C LEU B 570 18.11 13.44 1.52
N THR B 571 17.84 12.23 1.02
CA THR B 571 16.96 12.06 -0.13
C THR B 571 15.74 11.27 0.29
N LEU B 572 14.57 11.76 -0.11
CA LEU B 572 13.30 11.13 0.26
C LEU B 572 12.53 10.74 -0.99
N PRO B 573 11.85 9.58 -0.94
CA PRO B 573 10.91 9.20 -2.00
C PRO B 573 9.67 10.07 -1.85
N GLY B 574 8.80 10.09 -2.87
CA GLY B 574 7.56 10.84 -2.79
C GLY B 574 6.75 10.54 -1.54
N HIS B 575 6.34 11.59 -0.82
CA HIS B 575 5.56 11.47 0.41
C HIS B 575 6.26 10.67 1.52
N GLY B 576 7.58 10.51 1.41
CA GLY B 576 8.31 9.77 2.42
C GLY B 576 8.66 10.60 3.64
N PHE B 577 9.14 9.92 4.67
CA PHE B 577 9.60 10.62 5.87
C PHE B 577 10.66 9.75 6.54
N TYR B 578 11.55 10.37 7.32
CA TYR B 578 12.48 9.62 8.17
C TYR B 578 12.44 10.20 9.56
N TRP B 579 12.61 9.35 10.55
CA TRP B 579 12.82 9.76 11.94
C TRP B 579 14.20 9.28 12.37
N PHE B 580 15.01 10.18 12.93
CA PHE B 580 16.35 9.80 13.39
C PHE B 580 16.56 10.14 14.84
N GLN B 581 17.21 9.26 15.58
CA GLN B 581 17.72 9.63 16.90
C GLN B 581 19.09 10.27 16.65
N LEU B 582 19.34 11.44 17.23
CA LEU B 582 20.66 12.05 17.08
C LEU B 582 21.53 11.58 18.23
N ARG B 583 22.43 10.64 17.94
CA ARG B 583 23.24 10.05 18.99
C ARG B 583 24.55 10.82 19.18
N GLU B 584 24.88 11.12 20.43
CA GLU B 584 26.12 11.81 20.76
C GLU B 584 27.33 10.95 20.44
N PRO B 585 28.37 11.58 19.87
CA PRO B 585 29.55 10.83 19.41
C PRO B 585 30.35 10.20 20.54
N ASP B 586 31.06 9.12 20.22
CA ASP B 586 32.01 8.51 21.15
C ASP B 586 33.13 9.49 21.49
N PRO B 587 33.55 9.51 22.76
CA PRO B 587 34.83 10.13 23.12
C PRO B 587 35.97 9.14 22.99
#